data_4G3H
#
_entry.id   4G3H
#
_cell.length_a   94.690
_cell.length_b   102.240
_cell.length_c   148.610
_cell.angle_alpha   90.00
_cell.angle_beta   90.00
_cell.angle_gamma   90.00
#
_symmetry.space_group_name_H-M   'P 21 21 21'
#
loop_
_entity.id
_entity.type
_entity.pdbx_description
1 polymer 'Arginase (RocF)'
2 non-polymer 'MANGANESE (II) ION'
3 water water
#
_entity_poly.entity_id   1
_entity_poly.type   'polypeptide(L)'
_entity_poly.pdbx_seq_one_letter_code
;MILVGLEAELGASKRGTDKGVRRLREALSATHGDVIKGMQTITQERCVLYKEFRYAKNFEDYYLFCKENLIPCMKEVFEK
KEFPLILSSEHANMFGIFQAFRSVHKDKKIGILYLDAHADIHTAYDSDSKHIHGMPLGMVLNRVRSGFNRMSESEEKAWQ
KLCSLGLEKGGLEIDPKCLVYFGVRSTEQSERDVIRELQIPLFSVDAIRENMQEVVQKTKESLKAVDIIYLSLDLDIMDG
KLFTSTGVRENNGLSFDELKQLLGLLLESFKDRLKAVEVTEYNPTVSIKHNNEEEKQVLEILDLIINSCKIKDKKHSFAR
SYLEHHHHHH
;
_entity_poly.pdbx_strand_id   A,B,C,D
#
loop_
_chem_comp.id
_chem_comp.type
_chem_comp.name
_chem_comp.formula
MN non-polymer 'MANGANESE (II) ION' 'Mn 2'
#
# COMPACT_ATOMS: atom_id res chain seq x y z
N MET A 1 17.45 -7.43 -11.10
CA MET A 1 17.37 -5.94 -11.03
C MET A 1 18.71 -5.30 -11.34
N ILE A 2 18.68 -4.10 -11.91
CA ILE A 2 19.89 -3.36 -12.24
C ILE A 2 19.98 -2.11 -11.35
N LEU A 3 21.14 -1.92 -10.71
CA LEU A 3 21.34 -0.76 -9.87
C LEU A 3 22.27 0.19 -10.63
N VAL A 4 21.76 1.38 -10.96
CA VAL A 4 22.54 2.38 -11.67
C VAL A 4 22.94 3.48 -10.70
N GLY A 5 24.24 3.75 -10.64
CA GLY A 5 24.75 4.78 -9.74
C GLY A 5 25.40 5.89 -10.54
N LEU A 6 24.86 7.10 -10.45
CA LEU A 6 25.42 8.25 -11.17
C LEU A 6 26.57 8.87 -10.37
N GLU A 7 27.59 9.31 -11.08
CA GLU A 7 28.75 9.94 -10.45
C GLU A 7 29.32 10.97 -11.43
N ALA A 8 29.64 12.16 -10.92
CA ALA A 8 30.18 13.21 -11.76
C ALA A 8 31.53 12.82 -12.34
N GLU A 9 31.69 12.97 -13.65
CA GLU A 9 32.96 12.66 -14.27
C GLU A 9 34.07 13.50 -13.63
N LEU A 10 33.73 14.74 -13.27
CA LEU A 10 34.70 15.65 -12.65
C LEU A 10 34.27 16.18 -11.29
N GLY A 11 35.19 16.15 -10.32
CA GLY A 11 34.91 16.65 -8.99
C GLY A 11 33.83 15.97 -8.16
N ALA A 12 33.66 14.67 -8.36
CA ALA A 12 32.63 13.94 -7.62
C ALA A 12 32.84 13.99 -6.12
N SER A 13 34.10 13.98 -5.69
CA SER A 13 34.41 14.00 -4.27
C SER A 13 34.03 15.32 -3.58
N LYS A 14 33.71 16.33 -4.38
CA LYS A 14 33.31 17.63 -3.85
C LYS A 14 31.78 17.71 -3.78
N ARG A 15 31.11 16.71 -4.33
CA ARG A 15 29.66 16.69 -4.36
C ARG A 15 28.99 15.82 -3.29
N GLY A 16 28.27 16.47 -2.38
CA GLY A 16 27.59 15.76 -1.31
C GLY A 16 26.60 14.69 -1.75
N THR A 17 25.98 14.89 -2.90
CA THR A 17 25.02 13.91 -3.41
C THR A 17 25.73 12.69 -3.98
N ASP A 18 26.89 12.90 -4.62
CA ASP A 18 27.67 11.80 -5.18
C ASP A 18 28.15 10.89 -4.06
N LYS A 19 28.45 11.48 -2.92
CA LYS A 19 28.90 10.71 -1.76
C LYS A 19 27.70 9.93 -1.25
N GLY A 20 26.52 10.53 -1.35
CA GLY A 20 25.32 9.85 -0.92
C GLY A 20 25.13 8.59 -1.75
N VAL A 21 25.28 8.75 -3.06
CA VAL A 21 25.14 7.63 -3.99
C VAL A 21 26.14 6.50 -3.70
N ARG A 22 27.41 6.84 -3.45
CA ARG A 22 28.40 5.79 -3.19
C ARG A 22 28.12 5.05 -1.90
N ARG A 23 27.57 5.75 -0.91
CA ARG A 23 27.22 5.13 0.38
C ARG A 23 26.11 4.11 0.17
N LEU A 24 25.09 4.51 -0.58
CA LEU A 24 23.95 3.66 -0.87
C LEU A 24 24.37 2.45 -1.71
N ARG A 25 25.25 2.67 -2.68
CA ARG A 25 25.73 1.58 -3.54
C ARG A 25 26.44 0.50 -2.72
N GLU A 26 27.31 0.94 -1.80
CA GLU A 26 28.05 0.00 -0.97
C GLU A 26 27.13 -0.75 0.00
N ALA A 27 26.14 -0.09 0.56
CA ALA A 27 25.18 -0.63 1.36
C ALA A 27 24.28 -1.65 0.67
N LEU A 28 23.82 -1.41 -0.51
CA LEU A 28 23.11 -2.25 -1.32
C LEU A 28 23.86 -3.56 -1.78
N SER A 29 25.09 -3.42 -2.02
CA SER A 29 25.91 -4.40 -2.45
C SER A 29 26.05 -5.53 -1.51
N ALA A 30 26.13 -5.23 -0.27
CA ALA A 30 26.05 -6.08 0.78
C ALA A 30 24.78 -6.80 0.95
N THR A 31 23.69 -6.20 0.69
CA THR A 31 22.48 -6.81 0.87
C THR A 31 21.74 -7.36 -0.28
N HIS A 32 21.02 -6.57 -0.99
CA HIS A 32 20.27 -6.82 -2.19
C HIS A 32 21.21 -7.28 -3.40
N GLY A 33 22.36 -6.69 -3.43
CA GLY A 33 23.41 -6.93 -4.28
C GLY A 33 24.25 -8.19 -4.03
N ASP A 34 23.84 -8.97 -3.09
CA ASP A 34 24.56 -10.18 -2.75
C ASP A 34 23.54 -11.31 -2.70
N VAL A 35 23.99 -12.55 -2.69
CA VAL A 35 23.08 -13.68 -2.64
C VAL A 35 22.50 -13.83 -1.24
N ILE A 36 21.19 -13.69 -1.13
CA ILE A 36 20.48 -13.80 0.14
C ILE A 36 19.49 -14.95 0.00
N LYS A 37 19.71 -16.02 0.76
CA LYS A 37 18.85 -17.20 0.73
C LYS A 37 18.80 -17.80 -0.66
N GLY A 38 19.98 -17.85 -1.30
CA GLY A 38 20.09 -18.43 -2.62
C GLY A 38 19.67 -17.55 -3.79
N MET A 39 19.39 -16.27 -3.53
CA MET A 39 18.95 -15.38 -4.59
C MET A 39 19.64 -14.02 -4.62
N GLN A 40 20.04 -13.58 -5.81
CA GLN A 40 20.69 -12.29 -5.94
C GLN A 40 19.73 -11.34 -6.63
N THR A 41 19.16 -10.41 -5.88
CA THR A 41 18.19 -9.46 -6.43
C THR A 41 18.85 -8.51 -7.43
N ILE A 42 19.90 -7.82 -7.01
CA ILE A 42 20.61 -6.90 -7.90
C ILE A 42 21.73 -7.68 -8.59
N THR A 43 21.55 -7.93 -9.88
CA THR A 43 22.49 -8.70 -10.66
C THR A 43 23.60 -7.85 -11.28
N GLN A 44 23.42 -6.55 -11.24
CA GLN A 44 24.43 -5.68 -11.83
C GLN A 44 24.42 -4.27 -11.23
N GLU A 45 25.61 -3.81 -10.87
CA GLU A 45 25.79 -2.46 -10.34
C GLU A 45 26.56 -1.68 -11.39
N ARG A 46 25.87 -0.77 -12.07
CA ARG A 46 26.55 0.03 -13.08
C ARG A 46 26.78 1.50 -12.70
N CYS A 47 28.02 1.95 -12.87
CA CYS A 47 28.35 3.35 -12.59
C CYS A 47 28.20 4.11 -13.90
N VAL A 48 27.50 5.24 -13.85
CA VAL A 48 27.28 6.06 -15.02
C VAL A 48 27.76 7.48 -14.71
N LEU A 49 28.66 8.00 -15.55
CA LEU A 49 29.20 9.33 -15.35
C LEU A 49 28.31 10.40 -15.96
N TYR A 50 28.28 11.56 -15.31
CA TYR A 50 27.47 12.66 -15.80
C TYR A 50 28.23 13.97 -15.72
N LYS A 51 27.71 14.98 -16.41
CA LYS A 51 28.31 16.30 -16.44
C LYS A 51 27.26 17.27 -15.94
N GLU A 52 27.63 18.14 -15.02
CA GLU A 52 26.69 19.11 -14.47
C GLU A 52 26.33 20.18 -15.50
N PHE A 53 25.06 20.52 -15.57
CA PHE A 53 24.61 21.55 -16.50
C PHE A 53 24.70 22.93 -15.83
N ARG A 54 25.56 23.79 -16.35
CA ARG A 54 25.73 25.13 -15.79
C ARG A 54 25.17 26.18 -16.74
N TYR A 55 24.15 25.81 -17.50
CA TYR A 55 23.50 26.70 -18.44
C TYR A 55 24.48 27.38 -19.38
N ALA A 56 24.54 28.70 -19.34
CA ALA A 56 25.44 29.45 -20.20
C ALA A 56 26.91 29.07 -20.00
N LYS A 57 27.27 28.72 -18.76
CA LYS A 57 28.64 28.35 -18.45
C LYS A 57 29.21 27.25 -19.35
N ASN A 58 28.43 26.20 -19.58
CA ASN A 58 28.91 25.08 -20.39
C ASN A 58 27.82 24.41 -21.23
N PHE A 59 26.93 25.20 -21.80
CA PHE A 59 25.82 24.66 -22.59
C PHE A 59 26.26 23.63 -23.64
N GLU A 60 27.23 23.99 -24.46
CA GLU A 60 27.68 23.09 -25.52
C GLU A 60 28.31 21.80 -24.97
N ASP A 61 29.17 21.94 -23.97
CA ASP A 61 29.81 20.77 -23.38
C ASP A 61 28.76 19.82 -22.81
N TYR A 62 27.79 20.38 -22.10
CA TYR A 62 26.73 19.60 -21.51
C TYR A 62 25.95 18.90 -22.61
N TYR A 63 25.62 19.65 -23.66
CA TYR A 63 24.89 19.09 -24.78
C TYR A 63 25.60 17.87 -25.35
N LEU A 64 26.86 18.06 -25.71
CA LEU A 64 27.66 16.98 -26.28
C LEU A 64 27.79 15.79 -25.36
N PHE A 65 28.04 16.06 -24.07
CA PHE A 65 28.19 14.98 -23.11
C PHE A 65 26.92 14.13 -23.03
N CYS A 66 25.78 14.79 -22.94
CA CYS A 66 24.51 14.08 -22.87
C CYS A 66 24.26 13.24 -24.11
N LYS A 67 24.42 13.85 -25.29
CA LYS A 67 24.22 13.14 -26.54
C LYS A 67 25.18 11.98 -26.76
N GLU A 68 26.45 12.18 -26.41
CA GLU A 68 27.46 11.16 -26.63
C GLU A 68 27.76 10.18 -25.50
N ASN A 69 27.54 10.61 -24.25
CA ASN A 69 27.84 9.74 -23.11
C ASN A 69 26.65 9.28 -22.27
N LEU A 70 26.10 10.21 -21.49
CA LEU A 70 24.99 9.90 -20.60
C LEU A 70 23.79 9.20 -21.24
N ILE A 71 23.22 9.79 -22.27
CA ILE A 71 22.05 9.19 -22.92
C ILE A 71 22.34 7.81 -23.51
N PRO A 72 23.44 7.67 -24.26
CA PRO A 72 23.73 6.34 -24.83
C PRO A 72 23.87 5.26 -23.75
N CYS A 73 24.53 5.60 -22.65
CA CYS A 73 24.74 4.64 -21.56
C CYS A 73 23.41 4.25 -20.90
N MET A 74 22.56 5.25 -20.64
CA MET A 74 21.28 4.96 -20.02
C MET A 74 20.37 4.16 -20.97
N LYS A 75 20.49 4.38 -22.27
CA LYS A 75 19.67 3.62 -23.22
C LYS A 75 20.05 2.15 -23.10
N GLU A 76 21.34 1.89 -22.95
CA GLU A 76 21.81 0.50 -22.80
C GLU A 76 21.14 -0.14 -21.60
N VAL A 77 21.01 0.63 -20.53
CA VAL A 77 20.36 0.12 -19.33
C VAL A 77 18.88 -0.13 -19.56
N PHE A 78 18.18 0.86 -20.11
CA PHE A 78 16.74 0.72 -20.34
C PHE A 78 16.37 -0.31 -21.40
N GLU A 79 17.34 -0.74 -22.20
CA GLU A 79 17.07 -1.73 -23.23
C GLU A 79 17.05 -3.16 -22.68
N LYS A 80 17.60 -3.34 -21.49
CA LYS A 80 17.61 -4.65 -20.84
C LYS A 80 16.22 -4.88 -20.25
N LYS A 81 15.86 -6.14 -20.04
CA LYS A 81 14.54 -6.47 -19.49
C LYS A 81 14.48 -6.25 -17.98
N GLU A 82 15.63 -6.36 -17.33
CA GLU A 82 15.74 -6.21 -15.89
C GLU A 82 15.31 -4.84 -15.36
N PHE A 83 14.59 -4.83 -14.24
CA PHE A 83 14.10 -3.59 -13.64
C PHE A 83 15.25 -2.72 -13.15
N PRO A 84 15.25 -1.44 -13.51
CA PRO A 84 16.34 -0.56 -13.07
C PRO A 84 16.04 0.36 -11.89
N LEU A 85 16.93 0.35 -10.91
CA LEU A 85 16.80 1.23 -9.75
C LEU A 85 17.91 2.25 -10.00
N ILE A 86 17.53 3.50 -10.19
CA ILE A 86 18.50 4.55 -10.52
C ILE A 86 18.77 5.61 -9.43
N LEU A 87 19.91 5.61 -8.95
CA LEU A 87 20.44 6.62 -8.15
C LEU A 87 21.11 7.74 -8.88
N SER A 88 20.34 8.71 -9.16
CA SER A 88 20.58 9.84 -9.94
C SER A 88 21.55 10.93 -9.49
N SER A 89 21.79 10.93 -8.21
CA SER A 89 22.52 11.77 -7.39
C SER A 89 21.84 13.10 -7.23
N GLU A 90 21.68 13.82 -8.24
CA GLU A 90 21.03 15.05 -8.34
C GLU A 90 19.87 15.10 -9.28
N HIS A 91 18.75 15.69 -8.88
CA HIS A 91 17.60 15.67 -9.76
C HIS A 91 17.81 16.20 -11.17
N ALA A 92 18.74 17.13 -11.36
CA ALA A 92 18.97 17.67 -12.69
C ALA A 92 19.32 16.56 -13.68
N ASN A 93 19.92 15.47 -13.20
CA ASN A 93 20.30 14.36 -14.07
C ASN A 93 19.10 13.61 -14.64
N MET A 94 17.93 13.87 -14.07
CA MET A 94 16.70 13.22 -14.52
C MET A 94 16.44 13.51 -16.00
N PHE A 95 16.86 14.67 -16.47
CA PHE A 95 16.64 15.00 -17.88
C PHE A 95 17.30 13.99 -18.81
N GLY A 96 18.63 13.88 -18.73
CA GLY A 96 19.35 12.95 -19.58
C GLY A 96 18.86 11.52 -19.42
N ILE A 97 18.58 11.11 -18.18
CA ILE A 97 18.10 9.76 -17.92
C ILE A 97 16.73 9.51 -18.57
N PHE A 98 15.82 10.46 -18.40
CA PHE A 98 14.47 10.32 -18.94
C PHE A 98 14.45 10.37 -20.48
N GLN A 99 15.31 11.20 -21.07
CA GLN A 99 15.35 11.28 -22.53
C GLN A 99 15.77 9.91 -23.06
N ALA A 100 16.69 9.25 -22.38
CA ALA A 100 17.13 7.93 -22.79
C ALA A 100 15.95 6.97 -22.67
N PHE A 101 15.18 7.13 -21.61
CA PHE A 101 14.00 6.30 -21.34
C PHE A 101 12.98 6.47 -22.48
N ARG A 102 12.72 7.72 -22.85
CA ARG A 102 11.78 8.05 -23.91
C ARG A 102 12.31 7.50 -25.24
N SER A 103 13.62 7.61 -25.45
CA SER A 103 14.26 7.14 -26.67
C SER A 103 14.07 5.64 -26.85
N VAL A 104 14.26 4.87 -25.79
CA VAL A 104 14.09 3.42 -25.85
C VAL A 104 12.62 3.04 -26.07
N HIS A 105 11.71 3.78 -25.46
CA HIS A 105 10.27 3.51 -25.60
C HIS A 105 9.64 4.59 -26.48
N LYS A 106 10.24 4.82 -27.64
CA LYS A 106 9.79 5.84 -28.57
C LYS A 106 8.34 5.83 -29.03
N ASP A 107 7.72 4.65 -29.09
CA ASP A 107 6.32 4.57 -29.52
C ASP A 107 5.36 4.31 -28.39
N LYS A 108 5.75 4.67 -27.16
CA LYS A 108 4.90 4.46 -26.01
C LYS A 108 4.50 5.76 -25.33
N LYS A 109 3.31 5.80 -24.78
CA LYS A 109 2.83 6.97 -24.06
C LYS A 109 3.37 6.78 -22.64
N ILE A 110 4.12 7.76 -22.15
CA ILE A 110 4.75 7.67 -20.84
C ILE A 110 4.15 8.54 -19.76
N GLY A 111 3.93 7.96 -18.59
CA GLY A 111 3.40 8.69 -17.46
C GLY A 111 4.55 8.90 -16.48
N ILE A 112 4.48 9.99 -15.72
CA ILE A 112 5.53 10.31 -14.75
C ILE A 112 5.00 10.53 -13.33
N LEU A 113 5.55 9.80 -12.36
CA LEU A 113 5.16 9.97 -10.97
C LEU A 113 6.35 10.72 -10.43
N TYR A 114 6.13 11.98 -10.03
CA TYR A 114 7.20 12.83 -9.55
C TYR A 114 6.99 13.24 -8.09
N LEU A 115 7.72 12.61 -7.17
CA LEU A 115 7.61 12.91 -5.75
C LEU A 115 8.70 13.89 -5.42
N ASP A 116 8.30 15.11 -5.05
CA ASP A 116 9.29 16.16 -4.83
C ASP A 116 8.66 17.36 -4.11
N ALA A 117 9.50 18.12 -3.41
CA ALA A 117 9.01 19.32 -2.73
C ALA A 117 8.94 20.42 -3.79
N HIS A 118 9.65 20.20 -4.91
CA HIS A 118 9.70 21.19 -6.00
C HIS A 118 9.11 20.68 -7.33
N ALA A 119 8.74 21.62 -8.19
CA ALA A 119 8.18 21.29 -9.49
C ALA A 119 9.30 21.07 -10.52
N ASP A 120 10.47 21.66 -10.25
CA ASP A 120 11.62 21.52 -11.14
C ASP A 120 11.33 21.89 -12.60
N ILE A 121 10.50 22.90 -12.81
CA ILE A 121 10.17 23.32 -14.16
C ILE A 121 11.08 24.45 -14.62
N HIS A 122 11.38 25.37 -13.73
CA HIS A 122 12.23 26.51 -14.05
C HIS A 122 13.31 26.68 -12.99
N THR A 123 14.53 26.92 -13.44
CA THR A 123 15.65 27.11 -12.52
C THR A 123 15.36 28.30 -11.61
N ALA A 124 15.50 28.10 -10.31
CA ALA A 124 15.26 29.15 -9.33
C ALA A 124 16.53 29.40 -8.53
N TYR A 125 16.81 30.65 -8.18
CA TYR A 125 18.02 30.98 -7.43
C TYR A 125 17.72 31.55 -6.04
N ILE A 132 19.56 26.85 -6.40
CA ILE A 132 18.65 26.02 -5.60
C ILE A 132 18.33 24.70 -6.30
N HIS A 133 17.44 24.74 -7.28
CA HIS A 133 17.06 23.53 -8.01
C HIS A 133 17.10 23.74 -9.52
N GLY A 134 17.34 22.66 -10.26
CA GLY A 134 17.40 22.72 -11.70
C GLY A 134 16.03 22.75 -12.38
N MET A 135 16.02 22.44 -13.66
CA MET A 135 14.78 22.45 -14.44
C MET A 135 14.66 21.25 -15.39
N PRO A 136 14.89 20.03 -14.88
CA PRO A 136 14.78 18.85 -15.75
C PRO A 136 13.40 18.71 -16.39
N LEU A 137 12.35 18.95 -15.61
CA LEU A 137 10.99 18.83 -16.14
C LEU A 137 10.69 19.96 -17.12
N GLY A 138 11.27 21.12 -16.89
CA GLY A 138 11.05 22.25 -17.77
C GLY A 138 11.61 21.93 -19.15
N MET A 139 12.65 21.10 -19.18
CA MET A 139 13.30 20.70 -20.43
C MET A 139 12.54 19.51 -21.05
N VAL A 140 12.00 18.65 -20.19
CA VAL A 140 11.24 17.50 -20.68
C VAL A 140 9.93 18.00 -21.29
N LEU A 141 9.37 19.05 -20.70
CA LEU A 141 8.12 19.63 -21.15
C LEU A 141 8.28 20.73 -22.21
N ASN A 142 9.53 21.08 -22.51
CA ASN A 142 9.79 22.13 -23.49
C ASN A 142 9.27 23.50 -23.10
N ARG A 143 9.31 23.80 -21.80
CA ARG A 143 8.87 25.10 -21.31
C ARG A 143 10.05 25.74 -20.58
N VAL A 144 11.18 25.77 -21.27
CA VAL A 144 12.41 26.32 -20.71
C VAL A 144 12.33 27.78 -20.28
N ARG A 145 11.67 28.62 -21.08
CA ARG A 145 11.54 30.03 -20.73
C ARG A 145 10.55 30.23 -19.58
N ARG A 150 14.49 37.12 -21.55
CA ARG A 150 15.38 37.37 -22.67
C ARG A 150 15.97 36.09 -23.26
N MET A 151 15.92 35.99 -24.59
CA MET A 151 16.47 34.81 -25.28
C MET A 151 16.55 35.02 -26.79
N SER A 152 17.77 34.89 -27.33
CA SER A 152 18.02 35.06 -28.76
C SER A 152 17.34 33.94 -29.56
N GLU A 153 17.27 34.11 -30.87
CA GLU A 153 16.66 33.10 -31.72
C GLU A 153 17.66 31.95 -31.80
N SER A 154 18.94 32.28 -31.64
CA SER A 154 19.99 31.28 -31.68
C SER A 154 19.96 30.48 -30.38
N GLU A 155 19.60 31.17 -29.29
CA GLU A 155 19.52 30.52 -27.98
C GLU A 155 18.32 29.59 -27.91
N GLU A 156 17.20 29.99 -28.50
CA GLU A 156 16.01 29.16 -28.50
C GLU A 156 16.28 27.96 -29.39
N LYS A 157 17.15 28.16 -30.37
CA LYS A 157 17.51 27.09 -31.30
C LYS A 157 18.36 26.07 -30.54
N ALA A 158 19.24 26.58 -29.70
CA ALA A 158 20.12 25.74 -28.89
C ALA A 158 19.28 24.91 -27.91
N TRP A 159 18.35 25.58 -27.23
CA TRP A 159 17.48 24.88 -26.28
C TRP A 159 16.62 23.82 -26.95
N GLN A 160 16.10 24.13 -28.12
CA GLN A 160 15.26 23.18 -28.85
C GLN A 160 16.13 21.99 -29.20
N LYS A 161 17.40 22.26 -29.49
CA LYS A 161 18.34 21.20 -29.83
C LYS A 161 18.52 20.29 -28.62
N LEU A 162 18.74 20.91 -27.45
CA LEU A 162 18.94 20.19 -26.20
C LEU A 162 17.72 19.40 -25.72
N CYS A 163 16.58 20.09 -25.57
CA CYS A 163 15.33 19.47 -25.12
C CYS A 163 14.95 18.33 -26.06
N SER A 164 15.44 18.33 -27.22
CA SER A 164 15.28 17.29 -28.09
C SER A 164 16.22 16.12 -28.14
N LEU A 165 17.23 16.14 -27.39
CA LEU A 165 18.12 15.07 -27.38
C LEU A 165 17.55 13.82 -26.99
N GLY A 166 17.94 12.96 -27.80
CA GLY A 166 17.60 11.58 -27.89
C GLY A 166 16.30 11.23 -28.50
N LEU A 167 15.55 12.17 -28.95
CA LEU A 167 14.40 12.01 -29.76
C LEU A 167 14.45 12.24 -31.30
N GLU A 168 15.50 12.49 -31.97
CA GLU A 168 15.22 12.67 -33.41
C GLU A 168 15.16 11.50 -34.40
N LYS A 169 15.12 10.32 -33.91
CA LYS A 169 14.53 9.33 -34.58
C LYS A 169 13.14 9.37 -33.98
N GLY A 170 12.80 10.40 -33.24
CA GLY A 170 11.48 10.38 -32.69
C GLY A 170 11.07 9.79 -31.30
N GLY A 171 9.93 10.29 -30.81
CA GLY A 171 9.27 9.89 -29.62
C GLY A 171 8.18 10.83 -29.60
N LEU A 172 7.27 10.53 -28.82
CA LEU A 172 6.14 11.31 -28.54
C LEU A 172 6.45 12.37 -27.64
N GLU A 173 5.71 13.33 -27.69
CA GLU A 173 5.87 14.43 -26.74
C GLU A 173 5.17 13.96 -25.47
N ILE A 174 5.63 14.45 -24.33
CA ILE A 174 5.03 14.08 -23.07
C ILE A 174 3.74 14.87 -22.87
N ASP A 175 2.67 14.17 -22.47
CA ASP A 175 1.37 14.78 -22.22
C ASP A 175 1.46 15.37 -20.81
N PRO A 176 1.47 16.72 -20.69
CA PRO A 176 1.56 17.41 -19.40
C PRO A 176 0.59 16.90 -18.34
N LYS A 177 -0.53 16.34 -18.80
CA LYS A 177 -1.57 15.81 -17.94
C LYS A 177 -1.20 14.43 -17.38
N CYS A 178 -0.13 13.85 -17.88
CA CYS A 178 0.33 12.54 -17.42
C CYS A 178 1.55 12.64 -16.50
N LEU A 179 1.84 13.86 -16.08
CA LEU A 179 2.92 14.14 -15.16
C LEU A 179 2.16 14.37 -13.87
N VAL A 180 2.45 13.59 -12.84
CA VAL A 180 1.75 13.73 -11.58
C VAL A 180 2.69 14.12 -10.44
N TYR A 181 2.47 15.32 -9.91
CA TYR A 181 3.29 15.84 -8.82
C TYR A 181 2.77 15.42 -7.46
N PHE A 182 3.67 15.04 -6.57
CA PHE A 182 3.30 14.64 -5.22
C PHE A 182 4.13 15.42 -4.21
N GLY A 183 3.46 16.15 -3.32
CA GLY A 183 4.15 16.91 -2.28
C GLY A 183 4.80 18.23 -2.67
N VAL A 184 4.58 18.68 -3.90
CA VAL A 184 5.18 19.93 -4.36
C VAL A 184 4.71 21.11 -3.50
N ARG A 185 5.64 21.88 -2.97
CA ARG A 185 5.29 22.99 -2.10
C ARG A 185 6.22 24.19 -2.18
N SER A 186 7.26 24.12 -3.00
CA SER A 186 8.20 25.21 -3.14
C SER A 186 8.42 25.47 -4.61
N THR A 187 7.82 26.54 -5.12
CA THR A 187 7.91 26.86 -6.54
C THR A 187 7.99 28.36 -6.84
N GLU A 188 8.27 28.67 -8.11
CA GLU A 188 8.34 30.06 -8.58
C GLU A 188 7.00 30.32 -9.27
N GLN A 189 6.54 31.56 -9.26
CA GLN A 189 5.27 31.90 -9.91
C GLN A 189 5.29 31.45 -11.37
N SER A 190 6.46 31.56 -12.00
CA SER A 190 6.60 31.15 -13.39
C SER A 190 6.30 29.66 -13.53
N GLU A 191 6.69 28.88 -12.52
CA GLU A 191 6.44 27.45 -12.54
C GLU A 191 4.95 27.19 -12.30
N ARG A 192 4.37 27.96 -11.38
CA ARG A 192 2.95 27.82 -11.09
C ARG A 192 2.12 28.17 -12.32
N ASP A 193 2.63 29.11 -13.12
CA ASP A 193 1.91 29.52 -14.34
C ASP A 193 1.89 28.39 -15.36
N VAL A 194 2.97 27.62 -15.44
CA VAL A 194 3.04 26.51 -16.39
C VAL A 194 2.11 25.39 -15.94
N ILE A 195 2.12 25.12 -14.64
CA ILE A 195 1.29 24.08 -14.04
C ILE A 195 -0.19 24.40 -14.30
N ARG A 196 -0.59 25.64 -14.04
CA ARG A 196 -1.98 26.03 -14.26
C ARG A 196 -2.33 25.95 -15.74
N GLU A 197 -1.48 26.54 -16.58
CA GLU A 197 -1.71 26.55 -18.03
C GLU A 197 -1.78 25.16 -18.63
N LEU A 198 -0.83 24.29 -18.28
CA LEU A 198 -0.79 22.94 -18.80
C LEU A 198 -1.70 21.96 -18.05
N GLN A 199 -2.30 22.46 -16.97
CA GLN A 199 -3.19 21.68 -16.13
C GLN A 199 -2.54 20.38 -15.64
N ILE A 200 -1.36 20.51 -15.04
CA ILE A 200 -0.61 19.37 -14.52
C ILE A 200 -1.13 18.99 -13.14
N PRO A 201 -1.63 17.75 -12.98
CA PRO A 201 -2.15 17.29 -11.69
C PRO A 201 -1.09 17.40 -10.59
N LEU A 202 -1.46 17.99 -9.46
CA LEU A 202 -0.55 18.18 -8.34
C LEU A 202 -1.23 17.88 -6.99
N PHE A 203 -0.74 16.86 -6.30
CA PHE A 203 -1.31 16.47 -5.01
C PHE A 203 -0.41 16.96 -3.90
N SER A 204 -0.90 17.94 -3.14
CA SER A 204 -0.12 18.53 -2.05
C SER A 204 0.06 17.62 -0.86
N VAL A 205 0.95 18.01 0.04
CA VAL A 205 1.22 17.27 1.25
C VAL A 205 -0.07 17.03 2.03
N ASP A 206 -0.93 18.04 2.09
CA ASP A 206 -2.19 17.93 2.82
C ASP A 206 -3.17 16.96 2.19
N ALA A 207 -3.29 16.98 0.85
CA ALA A 207 -4.21 16.07 0.19
C ALA A 207 -3.76 14.63 0.42
N ILE A 208 -2.45 14.42 0.37
CA ILE A 208 -1.86 13.11 0.59
C ILE A 208 -2.12 12.65 2.01
N ARG A 209 -1.92 13.56 2.96
CA ARG A 209 -2.11 13.26 4.37
C ARG A 209 -3.59 13.04 4.72
N GLU A 210 -4.46 13.84 4.11
CA GLU A 210 -5.90 13.74 4.36
C GLU A 210 -6.54 12.50 3.77
N ASN A 211 -6.16 12.16 2.54
CA ASN A 211 -6.73 10.98 1.89
C ASN A 211 -5.80 10.47 0.79
N MET A 212 -4.90 9.58 1.19
CA MET A 212 -3.94 8.99 0.27
C MET A 212 -4.65 8.12 -0.75
N GLN A 213 -5.72 7.45 -0.32
CA GLN A 213 -6.48 6.58 -1.22
C GLN A 213 -7.07 7.36 -2.41
N GLU A 214 -7.63 8.53 -2.14
CA GLU A 214 -8.22 9.32 -3.21
C GLU A 214 -7.11 9.82 -4.13
N VAL A 215 -5.99 10.24 -3.54
CA VAL A 215 -4.86 10.73 -4.32
C VAL A 215 -4.46 9.66 -5.32
N VAL A 216 -4.29 8.42 -4.87
CA VAL A 216 -3.89 7.34 -5.76
C VAL A 216 -4.95 7.06 -6.84
N GLN A 217 -6.21 7.11 -6.44
CA GLN A 217 -7.30 6.85 -7.38
C GLN A 217 -7.33 7.91 -8.48
N LYS A 218 -7.16 9.16 -8.09
CA LYS A 218 -7.14 10.25 -9.06
C LYS A 218 -5.90 10.14 -9.93
N THR A 219 -4.83 9.53 -9.39
CA THR A 219 -3.60 9.35 -10.14
C THR A 219 -3.83 8.34 -11.26
N LYS A 220 -4.59 7.28 -10.94
CA LYS A 220 -4.92 6.24 -11.91
C LYS A 220 -5.70 6.84 -13.06
N GLU A 221 -6.65 7.71 -12.72
CA GLU A 221 -7.48 8.38 -13.71
C GLU A 221 -6.61 9.15 -14.70
N SER A 222 -5.68 9.94 -14.17
CA SER A 222 -4.78 10.73 -15.01
C SER A 222 -3.86 9.87 -15.87
N LEU A 223 -3.54 8.68 -15.38
CA LEU A 223 -2.62 7.78 -16.06
C LEU A 223 -3.26 6.58 -16.75
N LYS A 224 -4.59 6.54 -16.79
CA LYS A 224 -5.32 5.44 -17.40
C LYS A 224 -4.91 5.10 -18.84
N ALA A 225 -4.45 6.10 -19.59
CA ALA A 225 -4.09 5.87 -20.98
C ALA A 225 -2.60 5.61 -21.29
N VAL A 226 -1.71 5.86 -20.33
CA VAL A 226 -0.28 5.65 -20.58
C VAL A 226 0.09 4.19 -20.66
N ASP A 227 1.13 3.89 -21.43
CA ASP A 227 1.60 2.51 -21.61
C ASP A 227 2.63 2.11 -20.58
N ILE A 228 3.48 3.05 -20.18
CA ILE A 228 4.51 2.77 -19.20
C ILE A 228 4.72 3.96 -18.29
N ILE A 229 5.20 3.68 -17.08
CA ILE A 229 5.38 4.71 -16.08
C ILE A 229 6.82 4.80 -15.54
N TYR A 230 7.23 6.03 -15.27
CA TYR A 230 8.56 6.32 -14.73
C TYR A 230 8.34 7.01 -13.38
N LEU A 231 8.91 6.46 -12.31
CA LEU A 231 8.77 7.09 -10.99
C LEU A 231 10.07 7.78 -10.57
N SER A 232 9.95 9.06 -10.26
CA SER A 232 11.11 9.84 -9.83
C SER A 232 10.87 10.36 -8.42
N LEU A 233 11.69 9.91 -7.48
CA LEU A 233 11.56 10.30 -6.09
C LEU A 233 12.69 11.16 -5.57
N ASP A 234 12.34 12.36 -5.13
CA ASP A 234 13.29 13.32 -4.55
C ASP A 234 13.02 13.27 -3.05
N LEU A 235 14.02 12.90 -2.26
CA LEU A 235 13.86 12.78 -0.83
C LEU A 235 13.40 14.04 -0.09
N ASP A 236 13.56 15.20 -0.71
CA ASP A 236 13.13 16.41 -0.03
C ASP A 236 11.61 16.53 0.03
N ILE A 237 10.90 15.50 -0.43
CA ILE A 237 9.45 15.53 -0.35
C ILE A 237 9.11 15.37 1.13
N MET A 238 10.03 14.74 1.87
CA MET A 238 9.85 14.57 3.30
C MET A 238 10.10 15.91 3.97
N ASP A 239 9.40 16.17 5.08
CA ASP A 239 9.55 17.43 5.79
C ASP A 239 11.01 17.80 6.06
N GLY A 240 11.35 19.06 5.79
CA GLY A 240 12.70 19.55 5.99
C GLY A 240 13.24 19.44 7.41
N LYS A 241 12.35 19.46 8.40
CA LYS A 241 12.75 19.35 9.80
C LYS A 241 13.03 17.89 10.17
N LEU A 242 12.24 17.00 9.59
CA LEU A 242 12.37 15.56 9.86
C LEU A 242 13.53 14.90 9.11
N PHE A 243 13.76 15.31 7.86
CA PHE A 243 14.84 14.73 7.06
C PHE A 243 15.76 15.86 6.58
N THR A 244 17.00 15.84 7.05
CA THR A 244 17.94 16.90 6.71
C THR A 244 19.06 16.55 5.75
N SER A 245 19.19 15.27 5.39
CA SER A 245 20.26 14.86 4.48
C SER A 245 19.91 15.12 3.01
N THR A 246 19.52 16.35 2.72
CA THR A 246 19.16 16.74 1.37
C THR A 246 19.53 18.22 1.18
N GLY A 247 19.93 18.57 -0.03
CA GLY A 247 20.35 19.93 -0.33
C GLY A 247 19.37 21.09 -0.16
N VAL A 248 18.11 20.88 -0.54
CA VAL A 248 17.12 21.95 -0.43
C VAL A 248 15.93 21.48 0.38
N ARG A 249 16.03 21.64 1.70
CA ARG A 249 14.97 21.24 2.62
C ARG A 249 13.80 22.22 2.60
N GLU A 250 12.59 21.67 2.57
CA GLU A 250 11.38 22.48 2.56
C GLU A 250 10.46 22.02 3.69
N ASN A 251 9.97 22.98 4.47
CA ASN A 251 9.07 22.68 5.58
C ASN A 251 7.70 22.27 5.07
N ASN A 252 6.89 21.72 5.97
CA ASN A 252 5.55 21.28 5.63
C ASN A 252 5.55 20.12 4.64
N GLY A 253 6.44 19.17 4.89
CA GLY A 253 6.53 18.00 4.03
C GLY A 253 5.91 16.77 4.64
N LEU A 254 6.15 15.62 3.99
CA LEU A 254 5.61 14.36 4.48
C LEU A 254 6.50 13.79 5.57
N SER A 255 5.93 12.91 6.37
CA SER A 255 6.66 12.23 7.42
C SER A 255 7.26 11.01 6.74
N PHE A 256 8.24 10.39 7.37
CA PHE A 256 8.88 9.20 6.82
C PHE A 256 7.84 8.10 6.55
N ASP A 257 6.93 7.89 7.50
CA ASP A 257 5.90 6.85 7.34
C ASP A 257 4.87 7.18 6.26
N GLU A 258 4.57 8.46 6.11
CA GLU A 258 3.63 8.88 5.08
C GLU A 258 4.22 8.55 3.70
N LEU A 259 5.50 8.87 3.51
CA LEU A 259 6.17 8.58 2.23
C LEU A 259 6.17 7.09 1.97
N LYS A 260 6.50 6.29 2.99
CA LYS A 260 6.50 4.84 2.87
C LYS A 260 5.12 4.32 2.46
N GLN A 261 4.08 4.90 3.05
CA GLN A 261 2.73 4.49 2.73
C GLN A 261 2.37 4.88 1.30
N LEU A 262 2.67 6.11 0.93
CA LEU A 262 2.37 6.57 -0.43
C LEU A 262 3.14 5.74 -1.44
N LEU A 263 4.43 5.53 -1.18
CA LEU A 263 5.26 4.73 -2.08
C LEU A 263 4.74 3.32 -2.28
N GLY A 264 4.39 2.65 -1.19
CA GLY A 264 3.89 1.29 -1.27
C GLY A 264 2.64 1.17 -2.13
N LEU A 265 1.72 2.11 -1.95
CA LEU A 265 0.47 2.13 -2.71
C LEU A 265 0.71 2.41 -4.20
N LEU A 266 1.58 3.38 -4.49
CA LEU A 266 1.86 3.71 -5.87
C LEU A 266 2.55 2.54 -6.58
N LEU A 267 3.49 1.90 -5.89
CA LEU A 267 4.21 0.78 -6.48
C LEU A 267 3.28 -0.39 -6.75
N GLU A 268 2.35 -0.64 -5.84
CA GLU A 268 1.41 -1.74 -5.99
C GLU A 268 0.35 -1.39 -7.04
N SER A 269 -0.13 -0.15 -7.03
CA SER A 269 -1.15 0.28 -7.96
C SER A 269 -0.67 0.34 -9.41
N PHE A 270 0.62 0.56 -9.61
CA PHE A 270 1.16 0.65 -10.97
C PHE A 270 2.25 -0.37 -11.25
N LYS A 271 2.27 -1.44 -10.47
CA LYS A 271 3.27 -2.50 -10.61
C LYS A 271 3.51 -2.96 -12.06
N ASP A 272 2.43 -3.14 -12.83
CA ASP A 272 2.52 -3.61 -14.21
C ASP A 272 3.14 -2.67 -15.22
N ARG A 273 2.87 -1.38 -15.11
CA ARG A 273 3.41 -0.44 -16.08
C ARG A 273 4.66 0.34 -15.62
N LEU A 274 5.04 0.20 -14.36
CA LEU A 274 6.22 0.88 -13.83
C LEU A 274 7.46 0.22 -14.42
N LYS A 275 8.24 0.97 -15.20
CA LYS A 275 9.44 0.41 -15.82
C LYS A 275 10.75 0.93 -15.22
N ALA A 276 10.67 1.91 -14.34
CA ALA A 276 11.88 2.42 -13.71
C ALA A 276 11.60 3.28 -12.50
N VAL A 277 12.54 3.27 -11.56
CA VAL A 277 12.43 4.09 -10.36
C VAL A 277 13.75 4.81 -10.12
N GLU A 278 13.65 6.11 -9.91
CA GLU A 278 14.79 6.97 -9.67
C GLU A 278 14.65 7.57 -8.26
N VAL A 279 15.68 7.44 -7.44
CA VAL A 279 15.65 8.03 -6.08
C VAL A 279 16.85 8.97 -6.09
N THR A 280 16.61 10.22 -5.73
CA THR A 280 17.67 11.21 -5.81
C THR A 280 17.73 12.22 -4.67
N GLU A 281 18.77 13.05 -4.70
CA GLU A 281 18.98 14.09 -3.70
C GLU A 281 19.25 13.62 -2.29
N TYR A 282 20.09 12.61 -2.16
CA TYR A 282 20.48 12.14 -0.82
C TYR A 282 21.84 12.77 -0.61
N ASN A 283 21.93 13.73 0.30
CA ASN A 283 23.20 14.40 0.59
C ASN A 283 23.47 14.31 2.09
N PRO A 284 24.17 13.26 2.51
CA PRO A 284 24.50 13.08 3.93
C PRO A 284 25.43 14.13 4.54
N THR A 285 26.21 14.82 3.71
CA THR A 285 27.14 15.82 4.22
C THR A 285 26.50 17.07 4.80
N VAL A 286 25.26 17.36 4.42
CA VAL A 286 24.57 18.54 4.94
C VAL A 286 23.62 18.22 6.09
N SER A 287 23.61 16.97 6.54
CA SER A 287 22.73 16.59 7.64
C SER A 287 23.12 17.33 8.92
N ILE A 288 22.12 17.72 9.70
CA ILE A 288 22.36 18.43 10.95
C ILE A 288 22.30 17.46 12.12
N LYS A 289 22.11 16.18 11.83
CA LYS A 289 22.04 15.18 12.88
C LYS A 289 23.37 14.46 12.99
N HIS A 290 23.57 13.75 14.10
CA HIS A 290 24.81 13.03 14.31
C HIS A 290 24.52 11.59 14.67
N ASN A 291 23.87 10.89 13.75
CA ASN A 291 23.53 9.49 13.92
C ASN A 291 23.25 8.82 12.57
N ASN A 292 22.84 7.56 12.64
CA ASN A 292 22.55 6.75 11.47
C ASN A 292 21.09 6.85 11.02
N GLU A 293 20.27 7.56 11.79
CA GLU A 293 18.85 7.68 11.51
C GLU A 293 18.44 7.93 10.05
N GLU A 294 18.91 9.01 9.47
CA GLU A 294 18.52 9.36 8.11
C GLU A 294 19.02 8.35 7.06
N GLU A 295 20.25 7.89 7.21
CA GLU A 295 20.75 6.93 6.24
C GLU A 295 19.89 5.66 6.31
N LYS A 296 19.55 5.25 7.52
CA LYS A 296 18.72 4.07 7.70
C LYS A 296 17.35 4.26 7.03
N GLN A 297 16.82 5.47 7.12
CA GLN A 297 15.52 5.74 6.50
C GLN A 297 15.58 5.61 4.98
N VAL A 298 16.63 6.16 4.37
CA VAL A 298 16.80 6.08 2.93
C VAL A 298 16.95 4.60 2.53
N LEU A 299 17.80 3.88 3.25
CA LEU A 299 18.01 2.47 2.98
C LEU A 299 16.69 1.69 3.09
N GLU A 300 15.82 2.13 4.00
CA GLU A 300 14.52 1.48 4.16
C GLU A 300 13.63 1.81 2.96
N ILE A 301 13.73 3.04 2.46
CA ILE A 301 12.98 3.45 1.28
C ILE A 301 13.40 2.52 0.14
N LEU A 302 14.71 2.34 0.01
CA LEU A 302 15.28 1.49 -1.04
C LEU A 302 14.82 0.04 -0.90
N ASP A 303 14.86 -0.52 0.31
CA ASP A 303 14.40 -1.90 0.53
C ASP A 303 12.95 -2.05 0.07
N LEU A 304 12.13 -1.08 0.43
CA LEU A 304 10.72 -1.09 0.07
C LEU A 304 10.54 -1.09 -1.45
N ILE A 305 11.29 -0.24 -2.14
CA ILE A 305 11.21 -0.17 -3.60
C ILE A 305 11.70 -1.46 -4.24
N ILE A 306 12.86 -1.91 -3.79
CA ILE A 306 13.46 -3.12 -4.33
C ILE A 306 12.60 -4.36 -4.08
N ASN A 307 12.14 -4.52 -2.85
CA ASN A 307 11.32 -5.67 -2.51
C ASN A 307 9.97 -5.71 -3.22
N SER A 308 9.45 -4.56 -3.61
CA SER A 308 8.17 -4.53 -4.30
C SER A 308 8.33 -4.74 -5.80
N CYS A 309 9.38 -4.17 -6.38
CA CYS A 309 9.63 -4.27 -7.81
C CYS A 309 10.37 -5.51 -8.32
N LYS A 310 11.08 -6.21 -7.44
CA LYS A 310 11.83 -7.37 -7.90
C LYS A 310 10.93 -8.51 -8.40
N ILE A 311 9.73 -8.62 -7.85
CA ILE A 311 8.81 -9.67 -8.27
C ILE A 311 8.49 -9.51 -9.76
N MET B 1 33.64 -47.34 1.34
CA MET B 1 33.32 -46.30 2.35
C MET B 1 33.13 -46.89 3.75
N ILE B 2 33.11 -46.02 4.75
CA ILE B 2 32.94 -46.45 6.13
C ILE B 2 31.47 -46.31 6.55
N LEU B 3 30.94 -47.34 7.20
CA LEU B 3 29.58 -47.29 7.71
C LEU B 3 29.71 -47.14 9.22
N VAL B 4 29.23 -46.01 9.74
CA VAL B 4 29.28 -45.73 11.17
C VAL B 4 27.87 -45.90 11.74
N GLY B 5 27.78 -46.69 12.80
CA GLY B 5 26.48 -46.91 13.43
C GLY B 5 26.48 -46.46 14.87
N LEU B 6 25.57 -45.54 15.20
CA LEU B 6 25.47 -45.04 16.56
C LEU B 6 24.58 -45.97 17.38
N GLU B 7 24.95 -46.14 18.64
CA GLU B 7 24.23 -47.01 19.56
C GLU B 7 24.41 -46.42 20.94
N ALA B 8 23.32 -46.34 21.69
CA ALA B 8 23.40 -45.81 23.03
C ALA B 8 24.24 -46.74 23.89
N GLU B 9 25.15 -46.16 24.65
CA GLU B 9 25.98 -46.95 25.55
C GLU B 9 25.07 -47.61 26.59
N LEU B 10 24.05 -46.88 27.02
CA LEU B 10 23.13 -47.38 28.04
C LEU B 10 21.70 -47.49 27.54
N GLY B 11 21.06 -48.62 27.81
CA GLY B 11 19.67 -48.83 27.42
C GLY B 11 19.34 -48.82 25.94
N ALA B 12 20.29 -49.22 25.11
CA ALA B 12 20.07 -49.23 23.68
C ALA B 12 18.88 -50.07 23.26
N SER B 13 18.63 -51.16 23.97
CA SER B 13 17.51 -52.05 23.63
C SER B 13 16.14 -51.43 23.87
N LYS B 14 16.08 -50.34 24.63
CA LYS B 14 14.81 -49.65 24.89
C LYS B 14 14.60 -48.55 23.85
N ARG B 15 15.59 -48.29 23.02
CA ARG B 15 15.49 -47.21 22.03
C ARG B 15 15.16 -47.64 20.60
N GLY B 16 13.97 -47.27 20.15
CA GLY B 16 13.50 -47.62 18.83
C GLY B 16 14.44 -47.26 17.69
N THR B 17 15.06 -46.08 17.76
CA THR B 17 15.98 -45.64 16.73
C THR B 17 17.24 -46.50 16.68
N ASP B 18 17.74 -46.90 17.85
CA ASP B 18 18.92 -47.75 17.90
C ASP B 18 18.62 -49.09 17.24
N LYS B 19 17.38 -49.56 17.39
CA LYS B 19 16.98 -50.82 16.77
C LYS B 19 16.93 -50.63 15.27
N GLY B 20 16.53 -49.42 14.86
CA GLY B 20 16.48 -49.12 13.45
C GLY B 20 17.88 -49.26 12.88
N VAL B 21 18.84 -48.65 13.58
CA VAL B 21 20.24 -48.69 13.18
C VAL B 21 20.75 -50.12 13.12
N ARG B 22 20.48 -50.91 14.15
CA ARG B 22 20.90 -52.31 14.22
C ARG B 22 20.40 -53.04 12.97
N ARG B 23 19.13 -52.83 12.65
CA ARG B 23 18.50 -53.47 11.50
C ARG B 23 19.18 -53.03 10.19
N LEU B 24 19.45 -51.74 10.06
CA LEU B 24 20.10 -51.23 8.86
C LEU B 24 21.54 -51.71 8.75
N ARG B 25 22.28 -51.69 9.85
CA ARG B 25 23.67 -52.14 9.83
C ARG B 25 23.78 -53.58 9.30
N GLU B 26 22.88 -54.45 9.75
CA GLU B 26 22.87 -55.85 9.34
C GLU B 26 22.46 -56.05 7.88
N ALA B 27 21.57 -55.20 7.39
CA ALA B 27 21.11 -55.29 6.01
C ALA B 27 22.18 -54.82 5.04
N LEU B 28 22.87 -53.74 5.39
CA LEU B 28 23.91 -53.19 4.54
C LEU B 28 25.17 -54.02 4.57
N SER B 29 25.46 -54.61 5.72
CA SER B 29 26.65 -55.44 5.87
C SER B 29 26.56 -56.61 4.89
N ALA B 30 25.36 -57.14 4.74
CA ALA B 30 25.11 -58.28 3.86
C ALA B 30 25.07 -57.92 2.37
N THR B 31 24.67 -56.70 2.04
CA THR B 31 24.57 -56.29 0.63
C THR B 31 25.73 -55.49 0.06
N HIS B 32 26.40 -54.70 0.91
CA HIS B 32 27.52 -53.88 0.44
C HIS B 32 28.83 -54.19 1.15
N GLY B 33 28.78 -55.07 2.15
CA GLY B 33 29.98 -55.41 2.88
C GLY B 33 30.74 -56.64 2.42
N ASP B 34 30.41 -57.14 1.22
CA ASP B 34 31.08 -58.32 0.71
C ASP B 34 32.14 -57.99 -0.35
N VAL B 35 33.22 -58.76 -0.34
CA VAL B 35 34.32 -58.56 -1.29
C VAL B 35 33.95 -59.17 -2.65
N GLN B 40 34.31 -54.55 -2.66
CA GLN B 40 33.62 -54.31 -1.40
C GLN B 40 33.44 -52.81 -1.19
N THR B 41 32.21 -52.33 -1.35
CA THR B 41 31.93 -50.91 -1.16
C THR B 41 32.16 -50.42 0.27
N ILE B 42 31.54 -51.07 1.23
CA ILE B 42 31.73 -50.68 2.63
C ILE B 42 32.87 -51.54 3.16
N THR B 43 34.00 -50.90 3.45
CA THR B 43 35.18 -51.62 3.94
C THR B 43 35.28 -51.70 5.45
N GLN B 44 34.42 -50.97 6.14
CA GLN B 44 34.46 -50.97 7.59
C GLN B 44 33.14 -50.55 8.21
N GLU B 45 32.69 -51.33 9.19
CA GLU B 45 31.46 -51.04 9.91
C GLU B 45 31.89 -50.73 11.32
N ARG B 46 31.80 -49.47 11.72
CA ARG B 46 32.20 -49.10 13.06
C ARG B 46 31.01 -48.69 13.93
N CYS B 47 30.96 -49.24 15.14
CA CYS B 47 29.92 -48.91 16.07
C CYS B 47 30.47 -47.81 16.96
N VAL B 48 29.68 -46.75 17.15
CA VAL B 48 30.08 -45.63 17.97
C VAL B 48 29.01 -45.43 19.03
N LEU B 49 29.43 -45.41 20.30
CA LEU B 49 28.52 -45.24 21.42
C LEU B 49 28.24 -43.78 21.73
N TYR B 50 27.01 -43.48 22.13
CA TYR B 50 26.64 -42.12 22.46
C TYR B 50 25.87 -42.04 23.77
N LYS B 51 25.73 -40.84 24.29
CA LYS B 51 25.02 -40.61 25.53
C LYS B 51 23.92 -39.60 25.21
N GLU B 52 22.70 -39.87 25.67
CA GLU B 52 21.58 -38.97 25.40
C GLU B 52 21.70 -37.68 26.21
N PHE B 53 21.41 -36.56 25.58
CA PHE B 53 21.48 -35.28 26.27
C PHE B 53 20.11 -35.01 26.90
N ARG B 54 20.10 -34.89 28.22
CA ARG B 54 18.85 -34.64 28.93
C ARG B 54 18.87 -33.25 29.58
N TYR B 55 19.59 -32.34 28.94
CA TYR B 55 19.71 -30.96 29.41
C TYR B 55 20.14 -30.89 30.87
N ALA B 56 19.32 -30.28 31.71
CA ALA B 56 19.63 -30.15 33.13
C ALA B 56 19.82 -31.50 33.81
N LYS B 57 19.11 -32.52 33.35
CA LYS B 57 19.20 -33.86 33.94
C LYS B 57 20.64 -34.39 34.01
N ASN B 58 21.41 -34.25 32.93
CA ASN B 58 22.77 -34.76 32.90
C ASN B 58 23.73 -33.93 32.07
N PHE B 59 23.61 -32.61 32.16
CA PHE B 59 24.46 -31.70 31.39
C PHE B 59 25.95 -32.02 31.48
N GLU B 60 26.48 -32.12 32.69
CA GLU B 60 27.90 -32.41 32.86
C GLU B 60 28.32 -33.77 32.29
N ASP B 61 27.53 -34.81 32.56
CA ASP B 61 27.84 -36.13 32.05
C ASP B 61 27.88 -36.12 30.52
N TYR B 62 26.88 -35.47 29.92
CA TYR B 62 26.80 -35.38 28.47
C TYR B 62 28.03 -34.65 27.94
N TYR B 63 28.34 -33.52 28.58
CA TYR B 63 29.49 -32.72 28.19
C TYR B 63 30.76 -33.57 28.17
N LEU B 64 31.04 -34.23 29.28
CA LEU B 64 32.23 -35.08 29.40
C LEU B 64 32.25 -36.21 28.39
N PHE B 65 31.11 -36.86 28.20
CA PHE B 65 31.04 -37.97 27.25
C PHE B 65 31.37 -37.52 25.84
N CYS B 66 30.79 -36.40 25.43
CA CYS B 66 31.03 -35.86 24.09
C CYS B 66 32.51 -35.52 23.90
N LYS B 67 33.06 -34.78 24.85
CA LYS B 67 34.46 -34.37 24.77
C LYS B 67 35.43 -35.54 24.82
N GLU B 68 35.15 -36.53 25.66
CA GLU B 68 36.04 -37.67 25.83
C GLU B 68 35.78 -38.90 24.98
N ASN B 69 34.53 -39.15 24.62
CA ASN B 69 34.19 -40.33 23.82
C ASN B 69 33.71 -40.10 22.41
N LEU B 70 32.47 -39.63 22.27
CA LEU B 70 31.87 -39.40 20.96
C LEU B 70 32.70 -38.57 19.98
N ILE B 71 33.08 -37.35 20.37
CA ILE B 71 33.83 -36.51 19.45
C ILE B 71 35.18 -37.11 19.04
N PRO B 72 35.96 -37.62 19.99
CA PRO B 72 37.24 -38.21 19.59
C PRO B 72 37.07 -39.36 18.61
N CYS B 73 36.07 -40.21 18.86
CA CYS B 73 35.81 -41.35 17.99
C CYS B 73 35.43 -40.92 16.58
N MET B 74 34.54 -39.93 16.48
CA MET B 74 34.11 -39.45 15.18
C MET B 74 35.23 -38.73 14.44
N LYS B 75 36.13 -38.08 15.18
CA LYS B 75 37.25 -37.41 14.53
C LYS B 75 38.08 -38.48 13.84
N GLU B 76 38.25 -39.63 14.49
CA GLU B 76 39.03 -40.72 13.90
C GLU B 76 38.41 -41.12 12.58
N VAL B 77 37.08 -41.16 12.55
CA VAL B 77 36.38 -41.53 11.32
C VAL B 77 36.58 -40.49 10.23
N PHE B 78 36.34 -39.23 10.56
CA PHE B 78 36.47 -38.16 9.60
C PHE B 78 37.90 -37.90 9.13
N GLU B 79 38.90 -38.39 9.86
CA GLU B 79 40.29 -38.20 9.46
C GLU B 79 40.71 -39.16 8.37
N LYS B 80 39.94 -40.23 8.17
CA LYS B 80 40.24 -41.19 7.11
C LYS B 80 39.82 -40.56 5.79
N LYS B 81 40.36 -41.07 4.68
CA LYS B 81 40.03 -40.55 3.35
C LYS B 81 38.71 -41.11 2.84
N GLU B 82 38.38 -42.31 3.29
CA GLU B 82 37.16 -43.00 2.88
C GLU B 82 35.87 -42.25 3.23
N PHE B 83 34.91 -42.27 2.31
CA PHE B 83 33.63 -41.58 2.52
C PHE B 83 32.82 -42.21 3.64
N PRO B 84 32.31 -41.38 4.56
CA PRO B 84 31.53 -41.93 5.67
C PRO B 84 30.01 -41.80 5.57
N LEU B 85 29.31 -42.92 5.74
CA LEU B 85 27.86 -42.94 5.75
C LEU B 85 27.54 -43.15 7.24
N ILE B 86 26.88 -42.17 7.84
CA ILE B 86 26.59 -42.20 9.26
C ILE B 86 25.13 -42.38 9.66
N LEU B 87 24.85 -43.49 10.34
CA LEU B 87 23.51 -43.78 10.84
C LEU B 87 23.55 -43.33 12.29
N SER B 88 23.20 -42.18 12.57
CA SER B 88 23.22 -41.53 13.82
C SER B 88 22.15 -41.90 14.86
N SER B 89 21.17 -42.63 14.47
CA SER B 89 20.08 -43.08 15.18
C SER B 89 18.98 -42.01 15.47
N GLU B 90 19.33 -40.99 16.22
CA GLU B 90 18.60 -39.77 16.56
C GLU B 90 19.29 -38.47 16.22
N HIS B 91 18.53 -37.60 15.60
CA HIS B 91 19.10 -36.34 15.17
C HIS B 91 19.89 -35.54 16.19
N ALA B 92 19.56 -35.70 17.47
CA ALA B 92 20.28 -34.97 18.50
C ALA B 92 21.79 -35.29 18.46
N ASN B 93 22.14 -36.48 17.99
CA ASN B 93 23.55 -36.90 17.92
C ASN B 93 24.33 -36.14 16.85
N MET B 94 23.62 -35.41 16.00
CA MET B 94 24.26 -34.65 14.94
C MET B 94 25.23 -33.63 15.53
N PHE B 95 24.93 -33.11 16.72
CA PHE B 95 25.81 -32.13 17.33
C PHE B 95 27.22 -32.67 17.53
N GLY B 96 27.35 -33.71 18.35
CA GLY B 96 28.66 -34.30 18.60
C GLY B 96 29.36 -34.74 17.33
N ILE B 97 28.61 -35.30 16.39
CA ILE B 97 29.16 -35.76 15.13
C ILE B 97 29.71 -34.60 14.29
N PHE B 98 28.90 -33.54 14.17
CA PHE B 98 29.30 -32.37 13.38
C PHE B 98 30.46 -31.60 14.02
N GLN B 99 30.48 -31.53 15.35
CA GLN B 99 31.58 -30.83 16.02
C GLN B 99 32.90 -31.54 15.70
N ALA B 100 32.85 -32.87 15.59
CA ALA B 100 34.05 -33.63 15.27
C ALA B 100 34.42 -33.32 13.82
N PHE B 101 33.39 -33.17 12.99
CA PHE B 101 33.58 -32.87 11.57
C PHE B 101 34.26 -31.51 11.43
N ARG B 102 33.77 -30.52 12.18
CA ARG B 102 34.34 -29.18 12.15
C ARG B 102 35.78 -29.20 12.69
N SER B 103 36.00 -29.99 13.72
CA SER B 103 37.31 -30.11 14.34
C SER B 103 38.36 -30.65 13.37
N VAL B 104 37.99 -31.64 12.58
CA VAL B 104 38.92 -32.23 11.62
C VAL B 104 39.18 -31.26 10.47
N HIS B 105 38.16 -30.52 10.06
CA HIS B 105 38.28 -29.55 8.98
C HIS B 105 38.26 -28.14 9.57
N LYS B 106 39.11 -27.91 10.55
CA LYS B 106 39.16 -26.62 11.24
C LYS B 106 39.38 -25.35 10.42
N ASP B 107 40.09 -25.46 9.30
CA ASP B 107 40.35 -24.29 8.48
C ASP B 107 39.51 -24.26 7.20
N LYS B 108 38.38 -24.96 7.21
CA LYS B 108 37.52 -24.99 6.03
C LYS B 108 36.16 -24.37 6.31
N LYS B 109 35.58 -23.76 5.28
CA LYS B 109 34.26 -23.17 5.40
C LYS B 109 33.32 -24.33 5.10
N ILE B 110 32.41 -24.62 6.03
CA ILE B 110 31.49 -25.75 5.87
C ILE B 110 30.04 -25.40 5.58
N GLY B 111 29.48 -26.08 4.58
CA GLY B 111 28.08 -25.89 4.23
C GLY B 111 27.28 -27.07 4.76
N ILE B 112 26.01 -26.85 5.08
CA ILE B 112 25.18 -27.92 5.61
C ILE B 112 23.87 -28.09 4.84
N LEU B 113 23.62 -29.30 4.37
CA LEU B 113 22.39 -29.62 3.66
C LEU B 113 21.59 -30.37 4.72
N TYR B 114 20.49 -29.77 5.18
CA TYR B 114 19.68 -30.35 6.24
C TYR B 114 18.27 -30.68 5.76
N LEU B 115 18.02 -31.96 5.50
CA LEU B 115 16.71 -32.41 5.05
C LEU B 115 15.96 -32.86 6.28
N ASP B 116 14.87 -32.16 6.61
CA ASP B 116 14.15 -32.45 7.83
C ASP B 116 12.80 -31.74 7.84
N ALA B 117 11.86 -32.28 8.60
CA ALA B 117 10.55 -31.66 8.74
C ALA B 117 10.68 -30.55 9.77
N HIS B 118 11.76 -30.63 10.57
CA HIS B 118 12.01 -29.66 11.64
C HIS B 118 13.31 -28.88 11.46
N ALA B 119 13.38 -27.71 12.11
CA ALA B 119 14.57 -26.86 12.04
C ALA B 119 15.61 -27.29 13.08
N ASP B 120 15.16 -27.93 14.15
CA ASP B 120 16.04 -28.42 15.20
C ASP B 120 16.94 -27.34 15.80
N ILE B 121 16.42 -26.13 15.94
CA ILE B 121 17.19 -25.03 16.50
C ILE B 121 16.96 -24.88 18.00
N HIS B 122 15.71 -25.08 18.42
CA HIS B 122 15.35 -24.98 19.83
C HIS B 122 14.50 -26.18 20.25
N THR B 123 14.80 -26.72 21.42
CA THR B 123 14.07 -27.86 21.93
C THR B 123 12.60 -27.50 22.07
N ALA B 124 11.73 -28.34 21.55
CA ALA B 124 10.29 -28.09 21.61
C ALA B 124 9.54 -29.19 22.35
N TYR B 125 8.45 -28.80 23.02
CA TYR B 125 7.59 -29.70 23.77
C TYR B 125 6.10 -29.44 23.49
N ASP B 126 5.25 -30.38 23.87
CA ASP B 126 3.80 -30.27 23.70
C ASP B 126 3.21 -29.65 24.96
N SER B 127 1.88 -29.59 25.03
CA SER B 127 1.21 -29.08 26.21
C SER B 127 1.37 -30.24 27.18
N ASP B 128 1.26 -31.46 26.67
CA ASP B 128 1.54 -32.62 27.50
C ASP B 128 3.02 -32.28 27.49
N SER B 129 3.73 -32.37 28.62
CA SER B 129 5.15 -32.03 28.58
C SER B 129 6.05 -33.07 27.90
N LYS B 130 5.72 -33.39 26.66
CA LYS B 130 6.50 -34.36 25.88
C LYS B 130 7.37 -33.68 24.83
N HIS B 131 8.65 -34.01 24.91
CA HIS B 131 9.71 -33.50 24.04
C HIS B 131 9.47 -33.92 22.58
N ILE B 132 9.32 -32.92 21.71
CA ILE B 132 9.10 -33.16 20.29
C ILE B 132 10.43 -33.38 19.59
N HIS B 133 11.27 -32.35 19.56
CA HIS B 133 12.60 -32.46 18.94
C HIS B 133 13.63 -31.71 19.77
N GLY B 134 14.90 -32.07 19.56
CA GLY B 134 16.00 -31.45 20.26
C GLY B 134 16.47 -30.21 19.53
N MET B 135 17.71 -29.81 19.77
CA MET B 135 18.23 -28.61 19.12
C MET B 135 19.69 -28.72 18.68
N PRO B 136 20.04 -29.79 17.93
CA PRO B 136 21.43 -29.94 17.46
C PRO B 136 21.97 -28.72 16.72
N LEU B 137 21.16 -28.12 15.84
CA LEU B 137 21.59 -26.96 15.08
C LEU B 137 21.68 -25.70 15.92
N GLY B 138 20.82 -25.61 16.93
CA GLY B 138 20.88 -24.44 17.78
C GLY B 138 22.23 -24.40 18.48
N MET B 139 22.72 -25.58 18.84
CA MET B 139 24.00 -25.71 19.52
C MET B 139 25.12 -25.48 18.51
N VAL B 140 24.97 -26.06 17.32
CA VAL B 140 25.98 -25.89 16.29
C VAL B 140 26.14 -24.41 15.96
N LEU B 141 25.01 -23.69 15.96
CA LEU B 141 25.00 -22.26 15.67
C LEU B 141 25.20 -21.44 16.93
N ASN B 142 25.30 -22.11 18.06
CA ASN B 142 25.47 -21.42 19.34
C ASN B 142 24.40 -20.32 19.44
N ARG B 143 23.14 -20.72 19.27
CA ARG B 143 22.01 -19.80 19.34
C ARG B 143 20.98 -20.39 20.29
N VAL B 144 21.48 -20.99 21.38
CA VAL B 144 20.63 -21.63 22.36
C VAL B 144 19.87 -20.63 23.25
N ARG B 145 20.57 -19.63 23.76
CA ARG B 145 19.95 -18.64 24.64
C ARG B 145 18.87 -17.79 23.98
N SER B 146 18.78 -17.81 22.65
CA SER B 146 17.77 -17.02 21.96
C SER B 146 16.43 -17.74 21.92
N GLY B 147 16.32 -18.84 22.66
CA GLY B 147 15.09 -19.60 22.71
C GLY B 147 14.67 -19.88 24.13
N ARG B 150 17.27 -14.86 31.51
CA ARG B 150 16.74 -16.21 31.33
C ARG B 150 17.65 -17.24 31.99
N MET B 151 18.94 -17.18 31.65
CA MET B 151 19.91 -18.11 32.20
C MET B 151 20.83 -17.41 33.20
N SER B 152 21.13 -18.09 34.31
CA SER B 152 22.02 -17.53 35.31
C SER B 152 23.39 -17.43 34.66
N GLU B 153 24.24 -16.53 35.15
CA GLU B 153 25.58 -16.38 34.59
C GLU B 153 26.25 -17.74 34.43
N SER B 154 25.90 -18.67 35.29
CA SER B 154 26.47 -20.02 35.24
C SER B 154 25.91 -20.81 34.08
N GLU B 155 24.58 -20.79 33.92
CA GLU B 155 23.94 -21.51 32.84
C GLU B 155 24.48 -20.97 31.52
N GLU B 156 24.68 -19.66 31.48
CA GLU B 156 25.21 -18.98 30.30
C GLU B 156 26.57 -19.54 29.93
N LYS B 157 27.46 -19.64 30.92
CA LYS B 157 28.80 -20.16 30.67
C LYS B 157 28.78 -21.65 30.34
N ALA B 158 27.91 -22.40 31.01
CA ALA B 158 27.79 -23.83 30.77
C ALA B 158 27.50 -24.13 29.30
N TRP B 159 26.46 -23.51 28.77
CA TRP B 159 26.09 -23.73 27.37
C TRP B 159 27.17 -23.31 26.39
N GLN B 160 27.88 -22.24 26.69
CA GLN B 160 28.95 -21.78 25.80
C GLN B 160 30.07 -22.82 25.75
N LYS B 161 30.34 -23.42 26.89
CA LYS B 161 31.39 -24.44 27.00
C LYS B 161 31.00 -25.67 26.18
N LEU B 162 29.73 -26.06 26.29
CA LEU B 162 29.21 -27.23 25.57
C LEU B 162 29.19 -26.99 24.06
N CYS B 163 28.66 -25.84 23.65
CA CYS B 163 28.58 -25.51 22.23
C CYS B 163 29.94 -25.31 21.58
N SER B 164 30.98 -25.21 22.41
CA SER B 164 32.34 -25.01 21.90
C SER B 164 33.17 -26.28 21.76
N LEU B 165 32.62 -27.42 22.06
CA LEU B 165 33.36 -28.66 21.99
C LEU B 165 33.83 -29.00 20.67
N GLY B 166 35.03 -29.32 20.58
CA GLY B 166 35.74 -29.55 19.45
C GLY B 166 36.24 -28.36 18.75
N LEU B 167 35.93 -27.21 19.23
CA LEU B 167 36.47 -26.02 18.63
C LEU B 167 37.68 -25.46 19.33
N GLU B 168 38.18 -26.12 20.30
CA GLU B 168 39.14 -25.60 21.18
C GLU B 168 40.42 -25.21 20.50
N LYS B 169 40.83 -25.93 19.49
CA LYS B 169 41.85 -25.41 18.74
C LYS B 169 41.44 -24.47 17.70
N GLY B 170 40.90 -23.30 17.98
CA GLY B 170 40.78 -22.26 16.97
C GLY B 170 39.66 -22.12 15.90
N GLY B 171 38.66 -22.97 15.92
CA GLY B 171 37.71 -23.03 14.84
C GLY B 171 36.66 -22.06 14.26
N LEU B 172 36.45 -22.26 13.00
CA LEU B 172 35.59 -21.41 12.20
C LEU B 172 34.11 -21.50 12.63
N GLU B 173 33.48 -20.35 12.78
CA GLU B 173 32.08 -20.28 13.17
C GLU B 173 31.28 -20.65 11.92
N ILE B 174 30.20 -21.40 12.07
CA ILE B 174 29.39 -21.78 10.92
C ILE B 174 28.54 -20.60 10.46
N ASP B 175 28.57 -20.35 9.15
CA ASP B 175 27.80 -19.26 8.54
C ASP B 175 26.35 -19.69 8.34
N PRO B 176 25.42 -19.11 9.11
CA PRO B 176 23.98 -19.42 9.02
C PRO B 176 23.44 -19.45 7.58
N LYS B 177 23.93 -18.54 6.75
CA LYS B 177 23.49 -18.45 5.36
C LYS B 177 23.93 -19.68 4.56
N CYS B 178 24.85 -20.46 5.13
CA CYS B 178 25.34 -21.65 4.47
C CYS B 178 24.70 -22.92 5.02
N LEU B 179 23.66 -22.72 5.83
CA LEU B 179 22.89 -23.82 6.39
C LEU B 179 21.64 -23.82 5.52
N VAL B 180 21.47 -24.87 4.71
CA VAL B 180 20.33 -24.96 3.82
C VAL B 180 19.31 -26.02 4.25
N TYR B 181 18.08 -25.58 4.53
CA TYR B 181 16.99 -26.46 4.97
C TYR B 181 16.13 -26.90 3.78
N PHE B 182 15.62 -28.13 3.86
CA PHE B 182 14.73 -28.71 2.85
C PHE B 182 13.57 -29.41 3.57
N GLY B 183 12.33 -29.08 3.19
CA GLY B 183 11.17 -29.73 3.79
C GLY B 183 10.72 -29.30 5.17
N VAL B 184 11.44 -28.38 5.80
CA VAL B 184 11.06 -27.93 7.13
C VAL B 184 9.63 -27.40 7.07
N ARG B 185 8.81 -27.85 8.02
CA ARG B 185 7.39 -27.46 8.03
C ARG B 185 6.85 -27.36 9.46
N SER B 186 7.60 -27.87 10.43
CA SER B 186 7.20 -27.85 11.82
C SER B 186 8.26 -27.07 12.60
N THR B 187 7.89 -25.89 13.09
CA THR B 187 8.84 -25.05 13.83
C THR B 187 8.19 -24.24 14.94
N GLU B 188 9.04 -23.70 15.83
CA GLU B 188 8.60 -22.86 16.94
C GLU B 188 8.87 -21.42 16.52
N GLN B 189 8.10 -20.47 17.04
CA GLN B 189 8.29 -19.06 16.68
C GLN B 189 9.74 -18.61 16.94
N SER B 190 10.32 -19.08 18.03
CA SER B 190 11.69 -18.69 18.36
C SER B 190 12.65 -19.18 17.26
N GLU B 191 12.32 -20.31 16.65
CA GLU B 191 13.16 -20.84 15.59
C GLU B 191 12.99 -20.03 14.32
N ARG B 192 11.75 -19.60 14.05
CA ARG B 192 11.48 -18.81 12.87
C ARG B 192 12.17 -17.43 12.97
N ASP B 193 12.35 -16.95 14.19
CA ASP B 193 13.00 -15.66 14.39
C ASP B 193 14.48 -15.79 14.02
N VAL B 194 15.11 -16.86 14.48
CA VAL B 194 16.51 -17.12 14.20
C VAL B 194 16.73 -17.26 12.70
N ILE B 195 15.84 -18.01 12.06
CA ILE B 195 15.92 -18.23 10.63
C ILE B 195 15.82 -16.90 9.88
N ARG B 196 14.92 -16.04 10.37
CA ARG B 196 14.70 -14.73 9.75
C ARG B 196 15.89 -13.80 9.99
N GLU B 197 16.20 -13.60 11.27
CA GLU B 197 17.29 -12.74 11.65
C GLU B 197 18.65 -13.16 11.08
N LEU B 198 18.93 -14.46 11.03
CA LEU B 198 20.21 -14.91 10.48
C LEU B 198 20.14 -15.21 8.99
N GLN B 199 18.97 -14.99 8.40
CA GLN B 199 18.76 -15.21 6.97
C GLN B 199 19.18 -16.60 6.48
N ILE B 200 18.64 -17.63 7.14
CA ILE B 200 18.93 -19.02 6.77
C ILE B 200 17.99 -19.44 5.64
N PRO B 201 18.55 -19.94 4.52
CA PRO B 201 17.69 -20.37 3.40
C PRO B 201 16.89 -21.61 3.73
N LEU B 202 15.61 -21.61 3.36
CA LEU B 202 14.74 -22.73 3.62
C LEU B 202 13.88 -22.99 2.39
N PHE B 203 13.98 -24.20 1.85
CA PHE B 203 13.22 -24.58 0.66
C PHE B 203 12.12 -25.56 1.03
N SER B 204 10.91 -25.03 1.07
CA SER B 204 9.71 -25.78 1.44
C SER B 204 9.38 -26.97 0.57
N VAL B 205 8.52 -27.83 1.11
CA VAL B 205 8.05 -29.00 0.40
C VAL B 205 7.42 -28.55 -0.93
N ASP B 206 6.59 -27.51 -0.87
CA ASP B 206 5.94 -27.00 -2.07
C ASP B 206 6.95 -26.53 -3.12
N ALA B 207 7.97 -25.77 -2.70
CA ALA B 207 8.98 -25.28 -3.62
C ALA B 207 9.75 -26.45 -4.23
N ILE B 208 10.04 -27.46 -3.41
CA ILE B 208 10.77 -28.63 -3.89
C ILE B 208 9.92 -29.38 -4.90
N ARG B 209 8.63 -29.44 -4.65
CA ARG B 209 7.71 -30.14 -5.53
C ARG B 209 7.46 -29.36 -6.82
N GLU B 210 7.36 -28.04 -6.72
CA GLU B 210 7.13 -27.22 -7.91
C GLU B 210 8.32 -27.17 -8.87
N ASN B 211 9.50 -26.85 -8.36
CA ASN B 211 10.68 -26.78 -9.21
C ASN B 211 11.94 -27.21 -8.44
N MET B 212 12.15 -28.52 -8.37
CA MET B 212 13.29 -29.07 -7.66
C MET B 212 14.62 -28.55 -8.20
N GLN B 213 14.76 -28.55 -9.52
CA GLN B 213 15.99 -28.08 -10.16
C GLN B 213 16.29 -26.64 -9.72
N GLU B 214 15.23 -25.84 -9.60
CA GLU B 214 15.39 -24.45 -9.18
C GLU B 214 15.96 -24.40 -7.77
N VAL B 215 15.37 -25.19 -6.89
CA VAL B 215 15.81 -25.26 -5.50
C VAL B 215 17.30 -25.59 -5.42
N VAL B 216 17.73 -26.54 -6.23
CA VAL B 216 19.14 -26.94 -6.24
C VAL B 216 20.03 -25.81 -6.72
N GLN B 217 19.56 -25.05 -7.71
CA GLN B 217 20.35 -23.93 -8.22
C GLN B 217 20.54 -22.86 -7.16
N LYS B 218 19.47 -22.53 -6.45
CA LYS B 218 19.58 -21.53 -5.39
C LYS B 218 20.50 -22.08 -4.31
N THR B 219 20.40 -23.39 -4.07
CA THR B 219 21.24 -24.03 -3.06
C THR B 219 22.70 -23.84 -3.44
N LYS B 220 22.99 -23.93 -4.73
CA LYS B 220 24.36 -23.70 -5.21
C LYS B 220 24.80 -22.27 -4.93
N GLU B 221 23.91 -21.31 -5.15
CA GLU B 221 24.22 -19.90 -4.90
C GLU B 221 24.58 -19.69 -3.43
N SER B 222 23.82 -20.34 -2.54
CA SER B 222 24.09 -20.22 -1.11
C SER B 222 25.40 -20.88 -0.71
N LEU B 223 25.76 -21.95 -1.40
CA LEU B 223 26.97 -22.70 -1.07
C LEU B 223 28.19 -22.48 -1.96
N LYS B 224 28.08 -21.63 -2.97
CA LYS B 224 29.19 -21.40 -3.89
C LYS B 224 30.53 -21.06 -3.21
N ALA B 225 30.48 -20.54 -1.99
CA ALA B 225 31.71 -20.17 -1.29
C ALA B 225 32.28 -21.15 -0.27
N VAL B 226 31.53 -22.16 0.14
CA VAL B 226 32.07 -23.10 1.12
C VAL B 226 33.02 -24.11 0.49
N ASP B 227 33.96 -24.60 1.29
CA ASP B 227 34.95 -25.57 0.85
C ASP B 227 34.43 -27.00 0.89
N ILE B 228 33.69 -27.34 1.96
CA ILE B 228 33.16 -28.69 2.12
C ILE B 228 31.70 -28.72 2.58
N ILE B 229 30.99 -29.78 2.20
CA ILE B 229 29.59 -29.93 2.54
C ILE B 229 29.26 -31.16 3.38
N TYR B 230 28.31 -30.99 4.30
CA TYR B 230 27.86 -32.06 5.20
C TYR B 230 26.35 -32.24 4.98
N LEU B 231 25.92 -33.44 4.58
CA LEU B 231 24.49 -33.68 4.37
C LEU B 231 23.85 -34.51 5.48
N SER B 232 22.78 -33.99 6.06
CA SER B 232 22.08 -34.68 7.14
C SER B 232 20.62 -34.90 6.77
N LEU B 233 20.24 -36.17 6.65
CA LEU B 233 18.88 -36.53 6.28
C LEU B 233 18.07 -37.15 7.41
N ASP B 234 16.99 -36.46 7.78
CA ASP B 234 16.06 -36.92 8.80
C ASP B 234 14.93 -37.52 7.98
N LEU B 235 14.63 -38.80 8.20
CA LEU B 235 13.58 -39.46 7.41
C LEU B 235 12.19 -38.84 7.53
N ASP B 236 11.95 -38.08 8.60
CA ASP B 236 10.63 -37.45 8.73
C ASP B 236 10.40 -36.31 7.75
N ILE B 237 11.36 -36.08 6.85
CA ILE B 237 11.13 -35.04 5.85
C ILE B 237 10.02 -35.58 4.95
N MET B 238 9.91 -36.91 4.87
CA MET B 238 8.86 -37.53 4.07
C MET B 238 7.54 -37.38 4.79
N ASP B 239 6.46 -37.29 4.02
CA ASP B 239 5.12 -37.13 4.59
C ASP B 239 4.82 -38.13 5.70
N GLY B 240 4.32 -37.61 6.83
CA GLY B 240 4.00 -38.44 7.98
C GLY B 240 2.92 -39.49 7.76
N LYS B 241 2.18 -39.38 6.67
CA LYS B 241 1.13 -40.34 6.35
C LYS B 241 1.73 -41.50 5.56
N LEU B 242 2.73 -41.19 4.74
CA LEU B 242 3.39 -42.19 3.92
C LEU B 242 4.49 -42.96 4.65
N PHE B 243 5.37 -42.24 5.35
CA PHE B 243 6.46 -42.89 6.08
C PHE B 243 6.17 -42.78 7.57
N THR B 244 5.92 -43.92 8.22
CA THR B 244 5.58 -43.91 9.63
C THR B 244 6.65 -44.45 10.57
N SER B 245 7.78 -44.89 10.04
CA SER B 245 8.84 -45.43 10.88
C SER B 245 9.76 -44.34 11.39
N THR B 246 9.16 -43.31 11.99
CA THR B 246 9.90 -42.20 12.53
C THR B 246 9.17 -41.68 13.78
N GLY B 247 9.92 -41.22 14.77
CA GLY B 247 9.34 -40.75 16.02
C GLY B 247 8.35 -39.59 15.95
N VAL B 248 8.62 -38.59 15.11
CA VAL B 248 7.75 -37.44 15.01
C VAL B 248 7.30 -37.22 13.57
N ARG B 249 6.13 -37.74 13.24
CA ARG B 249 5.60 -37.60 11.89
C ARG B 249 4.89 -36.26 11.66
N GLU B 250 5.23 -35.62 10.54
CA GLU B 250 4.63 -34.34 10.19
C GLU B 250 3.93 -34.45 8.84
N ASN B 251 2.70 -33.95 8.77
CA ASN B 251 1.93 -33.98 7.54
C ASN B 251 2.48 -32.99 6.51
N ASN B 252 2.07 -33.16 5.26
CA ASN B 252 2.46 -32.31 4.16
C ASN B 252 3.95 -32.38 3.83
N GLY B 253 4.49 -33.58 3.80
CA GLY B 253 5.90 -33.75 3.48
C GLY B 253 6.11 -34.31 2.08
N LEU B 254 7.35 -34.63 1.77
CA LEU B 254 7.68 -35.17 0.45
C LEU B 254 7.27 -36.63 0.34
N SER B 255 7.13 -37.09 -0.90
CA SER B 255 6.79 -38.49 -1.18
C SER B 255 8.12 -39.20 -1.28
N PHE B 256 8.08 -40.53 -1.25
CA PHE B 256 9.30 -41.34 -1.34
C PHE B 256 10.09 -41.04 -2.60
N ASP B 257 9.40 -40.89 -3.73
CA ASP B 257 10.07 -40.58 -4.99
C ASP B 257 10.66 -39.17 -5.01
N GLU B 258 9.95 -38.21 -4.42
CA GLU B 258 10.44 -36.84 -4.38
C GLU B 258 11.75 -36.77 -3.59
N LEU B 259 11.78 -37.48 -2.46
CA LEU B 259 12.98 -37.49 -1.63
C LEU B 259 14.15 -38.09 -2.42
N LYS B 260 13.87 -39.17 -3.14
CA LYS B 260 14.90 -39.82 -3.93
C LYS B 260 15.44 -38.87 -5.01
N GLN B 261 14.54 -38.13 -5.64
CA GLN B 261 14.93 -37.19 -6.69
C GLN B 261 15.81 -36.11 -6.11
N LEU B 262 15.31 -35.44 -5.07
CA LEU B 262 16.05 -34.38 -4.41
C LEU B 262 17.44 -34.89 -4.01
N LEU B 263 17.48 -36.05 -3.36
CA LEU B 263 18.73 -36.65 -2.90
C LEU B 263 19.69 -36.83 -4.07
N GLY B 264 19.17 -37.38 -5.17
CA GLY B 264 19.98 -37.59 -6.34
C GLY B 264 20.60 -36.29 -6.84
N LEU B 265 19.75 -35.30 -7.10
CA LEU B 265 20.22 -34.00 -7.58
C LEU B 265 21.28 -33.43 -6.64
N LEU B 266 20.99 -33.42 -5.34
CA LEU B 266 21.93 -32.88 -4.37
C LEU B 266 23.26 -33.63 -4.36
N LEU B 267 23.21 -34.96 -4.41
CA LEU B 267 24.43 -35.74 -4.41
C LEU B 267 25.30 -35.43 -5.63
N GLU B 268 24.65 -35.26 -6.77
CA GLU B 268 25.37 -34.95 -8.02
C GLU B 268 25.93 -33.53 -8.00
N SER B 269 25.06 -32.56 -7.72
CA SER B 269 25.46 -31.16 -7.69
C SER B 269 26.57 -30.81 -6.70
N PHE B 270 26.72 -31.60 -5.65
CA PHE B 270 27.74 -31.30 -4.66
C PHE B 270 28.74 -32.43 -4.42
N LYS B 271 28.75 -33.39 -5.33
CA LYS B 271 29.63 -34.55 -5.26
C LYS B 271 31.04 -34.20 -4.79
N ASP B 272 31.64 -33.19 -5.43
CA ASP B 272 33.00 -32.77 -5.14
C ASP B 272 33.32 -32.28 -3.74
N ARG B 273 32.40 -31.57 -3.10
CA ARG B 273 32.68 -31.05 -1.77
C ARG B 273 31.98 -31.78 -0.61
N LEU B 274 31.04 -32.66 -0.95
CA LEU B 274 30.32 -33.43 0.05
C LEU B 274 31.26 -34.43 0.72
N LYS B 275 31.52 -34.26 2.02
CA LYS B 275 32.43 -35.17 2.72
C LYS B 275 31.78 -36.13 3.71
N ALA B 276 30.47 -36.07 3.86
CA ALA B 276 29.79 -36.97 4.79
C ALA B 276 28.30 -36.93 4.62
N VAL B 277 27.66 -38.06 4.90
CA VAL B 277 26.22 -38.15 4.82
C VAL B 277 25.70 -38.83 6.07
N GLU B 278 24.72 -38.20 6.69
CA GLU B 278 24.10 -38.71 7.91
C GLU B 278 22.63 -38.99 7.65
N VAL B 279 22.18 -40.19 8.01
CA VAL B 279 20.78 -40.54 7.86
C VAL B 279 20.29 -40.92 9.25
N THR B 280 19.16 -40.35 9.67
CA THR B 280 18.68 -40.60 11.01
C THR B 280 17.16 -40.64 11.19
N GLU B 281 16.76 -40.87 12.44
CA GLU B 281 15.37 -40.94 12.85
C GLU B 281 14.57 -42.10 12.25
N TYR B 282 15.22 -43.25 12.07
CA TYR B 282 14.50 -44.42 11.57
C TYR B 282 14.13 -45.21 12.81
N ASN B 283 12.84 -45.27 13.11
CA ASN B 283 12.32 -46.00 14.26
C ASN B 283 11.21 -46.93 13.78
N PRO B 284 11.58 -48.17 13.40
CA PRO B 284 10.61 -49.16 12.92
C PRO B 284 9.58 -49.60 13.95
N THR B 285 9.90 -49.44 15.23
CA THR B 285 9.01 -49.87 16.30
C THR B 285 7.71 -49.07 16.39
N VAL B 286 7.67 -47.88 15.81
CA VAL B 286 6.45 -47.07 15.87
C VAL B 286 5.68 -47.11 14.56
N SER B 287 6.15 -47.91 13.61
CA SER B 287 5.48 -48.04 12.33
C SER B 287 4.05 -48.54 12.52
N ILE B 288 3.12 -48.02 11.73
CA ILE B 288 1.72 -48.44 11.82
C ILE B 288 1.47 -49.57 10.84
N LYS B 289 2.32 -49.67 9.84
CA LYS B 289 2.18 -50.72 8.83
C LYS B 289 2.72 -52.04 9.39
N HIS B 290 2.44 -53.13 8.68
CA HIS B 290 2.91 -54.43 9.12
C HIS B 290 3.58 -55.15 7.95
N ASN B 291 4.57 -54.50 7.38
CA ASN B 291 5.32 -55.06 6.25
C ASN B 291 6.72 -54.46 6.28
N ASN B 292 7.56 -54.84 5.32
CA ASN B 292 8.93 -54.33 5.29
C ASN B 292 9.09 -53.22 4.24
N GLU B 293 7.99 -52.72 3.72
CA GLU B 293 8.04 -51.68 2.70
C GLU B 293 8.80 -50.44 3.15
N GLU B 294 8.56 -49.97 4.37
CA GLU B 294 9.26 -48.78 4.86
C GLU B 294 10.73 -49.09 5.09
N GLU B 295 11.05 -50.33 5.47
CA GLU B 295 12.45 -50.68 5.68
C GLU B 295 13.13 -50.73 4.31
N LYS B 296 12.42 -51.26 3.31
CA LYS B 296 13.00 -51.33 1.97
C LYS B 296 13.25 -49.93 1.41
N GLN B 297 12.31 -49.02 1.64
CA GLN B 297 12.48 -47.66 1.17
C GLN B 297 13.73 -47.04 1.77
N VAL B 298 13.94 -47.23 3.07
CA VAL B 298 15.11 -46.69 3.73
C VAL B 298 16.37 -47.29 3.11
N LEU B 299 16.33 -48.58 2.80
CA LEU B 299 17.49 -49.24 2.20
C LEU B 299 17.74 -48.76 0.76
N GLU B 300 16.68 -48.36 0.05
CA GLU B 300 16.84 -47.85 -1.31
C GLU B 300 17.56 -46.50 -1.23
N ILE B 301 17.16 -45.68 -0.26
CA ILE B 301 17.76 -44.37 -0.08
C ILE B 301 19.24 -44.54 0.28
N LEU B 302 19.52 -45.51 1.14
CA LEU B 302 20.91 -45.78 1.55
C LEU B 302 21.69 -46.30 0.33
N ASP B 303 21.04 -47.15 -0.45
CA ASP B 303 21.67 -47.70 -1.65
C ASP B 303 22.05 -46.56 -2.59
N LEU B 304 21.14 -45.61 -2.74
CA LEU B 304 21.33 -44.45 -3.59
C LEU B 304 22.55 -43.65 -3.13
N ILE B 305 22.63 -43.41 -1.83
CA ILE B 305 23.74 -42.66 -1.23
C ILE B 305 25.08 -43.36 -1.45
N ILE B 306 25.09 -44.66 -1.21
CA ILE B 306 26.30 -45.46 -1.34
C ILE B 306 26.85 -45.46 -2.77
N ASN B 307 26.05 -45.92 -3.72
CA ASN B 307 26.48 -45.98 -5.12
C ASN B 307 26.96 -44.63 -5.67
N SER B 308 26.36 -43.55 -5.20
CA SER B 308 26.72 -42.21 -5.66
C SER B 308 27.96 -41.64 -4.99
N CYS B 309 28.11 -41.91 -3.70
CA CYS B 309 29.25 -41.40 -2.93
C CYS B 309 30.47 -42.29 -2.88
N LYS B 310 30.34 -43.55 -3.32
CA LYS B 310 31.47 -44.46 -3.28
C LYS B 310 32.66 -43.92 -4.06
N ILE B 311 33.85 -44.03 -3.46
CA ILE B 311 35.09 -43.55 -4.06
C ILE B 311 35.16 -42.04 -3.99
N MET C 1 -40.47 36.11 -19.16
CA MET C 1 -39.34 36.30 -18.20
C MET C 1 -38.72 37.68 -18.30
N ILE C 2 -37.84 38.01 -17.36
CA ILE C 2 -37.17 39.30 -17.32
C ILE C 2 -35.73 39.17 -17.77
N LEU C 3 -35.30 40.06 -18.66
CA LEU C 3 -33.92 40.06 -19.11
C LEU C 3 -33.19 41.18 -18.36
N VAL C 4 -32.13 40.82 -17.63
CA VAL C 4 -31.35 41.78 -16.89
C VAL C 4 -29.98 41.91 -17.55
N GLY C 5 -29.61 43.15 -17.88
CA GLY C 5 -28.32 43.38 -18.49
C GLY C 5 -27.48 44.29 -17.62
N LEU C 6 -26.30 43.83 -17.24
CA LEU C 6 -25.40 44.63 -16.41
C LEU C 6 -24.54 45.51 -17.32
N GLU C 7 -24.22 46.69 -16.81
CA GLU C 7 -23.40 47.65 -17.55
C GLU C 7 -22.67 48.49 -16.53
N ALA C 8 -21.37 48.69 -16.74
CA ALA C 8 -20.59 49.48 -15.81
C ALA C 8 -21.08 50.92 -15.79
N GLU C 9 -21.32 51.46 -14.60
CA GLU C 9 -21.76 52.84 -14.50
C GLU C 9 -20.72 53.77 -15.14
N LEU C 10 -19.44 53.42 -14.96
CA LEU C 10 -18.37 54.24 -15.52
C LEU C 10 -17.51 53.47 -16.51
N GLY C 11 -17.24 54.11 -17.65
CA GLY C 11 -16.39 53.51 -18.68
C GLY C 11 -16.84 52.22 -19.31
N ALA C 12 -18.16 52.03 -19.44
CA ALA C 12 -18.69 50.80 -20.04
C ALA C 12 -18.19 50.59 -21.47
N SER C 13 -17.96 51.69 -22.20
CA SER C 13 -17.50 51.58 -23.57
C SER C 13 -16.08 51.03 -23.72
N LYS C 14 -15.33 51.00 -22.63
CA LYS C 14 -13.96 50.47 -22.65
C LYS C 14 -13.95 48.99 -22.26
N ARG C 15 -15.07 48.50 -21.74
CA ARG C 15 -15.14 47.11 -21.29
C ARG C 15 -15.71 46.13 -22.31
N GLY C 16 -14.88 45.21 -22.77
CA GLY C 16 -15.29 44.25 -23.77
C GLY C 16 -16.53 43.44 -23.40
N THR C 17 -16.61 42.98 -22.15
CA THR C 17 -17.75 42.20 -21.71
C THR C 17 -19.05 43.01 -21.76
N ASP C 18 -18.96 44.31 -21.47
CA ASP C 18 -20.15 45.16 -21.51
C ASP C 18 -20.64 45.31 -22.95
N LYS C 19 -19.71 45.33 -23.91
CA LYS C 19 -20.07 45.42 -25.31
C LYS C 19 -20.78 44.12 -25.68
N GLY C 20 -20.31 43.01 -25.10
CA GLY C 20 -20.93 41.74 -25.36
C GLY C 20 -22.38 41.76 -24.90
N VAL C 21 -22.59 42.25 -23.68
CA VAL C 21 -23.94 42.34 -23.11
C VAL C 21 -24.83 43.21 -23.98
N ARG C 22 -24.28 44.35 -24.43
CA ARG C 22 -25.02 45.28 -25.28
C ARG C 22 -25.52 44.57 -26.54
N ARG C 23 -24.64 43.82 -27.19
CA ARG C 23 -25.01 43.10 -28.41
C ARG C 23 -26.03 42.01 -28.15
N LEU C 24 -25.90 41.31 -27.03
CA LEU C 24 -26.85 40.24 -26.70
C LEU C 24 -28.21 40.84 -26.36
N ARG C 25 -28.20 41.93 -25.60
CA ARG C 25 -29.46 42.58 -25.22
C ARG C 25 -30.27 42.96 -26.44
N GLU C 26 -29.61 43.53 -27.46
CA GLU C 26 -30.29 43.95 -28.68
C GLU C 26 -30.80 42.79 -29.52
N ALA C 27 -30.03 41.71 -29.61
CA ALA C 27 -30.44 40.54 -30.38
C ALA C 27 -31.64 39.87 -29.71
N LEU C 28 -31.58 39.71 -28.40
CA LEU C 28 -32.68 39.06 -27.67
C LEU C 28 -33.94 39.91 -27.67
N SER C 29 -33.80 41.23 -27.67
CA SER C 29 -34.95 42.11 -27.67
C SER C 29 -35.75 41.87 -28.95
N ALA C 30 -35.03 41.80 -30.06
CA ALA C 30 -35.62 41.58 -31.37
C ALA C 30 -36.32 40.22 -31.50
N THR C 31 -35.71 39.16 -30.98
CA THR C 31 -36.29 37.83 -31.11
C THR C 31 -37.27 37.38 -30.02
N HIS C 32 -37.03 37.74 -28.78
CA HIS C 32 -37.91 37.31 -27.69
C HIS C 32 -38.79 38.40 -27.07
N GLY C 33 -38.47 39.65 -27.37
CA GLY C 33 -39.23 40.76 -26.80
C GLY C 33 -40.42 41.19 -27.64
N ASP C 34 -40.50 40.68 -28.86
CA ASP C 34 -41.61 41.05 -29.73
C ASP C 34 -42.88 40.34 -29.27
N VAL C 35 -43.97 41.09 -29.18
CA VAL C 35 -45.24 40.51 -28.75
C VAL C 35 -45.95 39.76 -29.87
N ILE C 36 -45.60 38.48 -30.03
CA ILE C 36 -46.18 37.65 -31.07
C ILE C 36 -47.39 36.94 -30.45
N LYS C 37 -48.49 37.70 -30.49
CA LYS C 37 -49.85 37.42 -29.98
C LYS C 37 -50.39 35.97 -29.99
N MET C 39 -48.70 37.07 -26.63
CA MET C 39 -47.54 36.49 -25.96
C MET C 39 -46.23 37.14 -26.43
N GLN C 40 -45.30 37.23 -25.50
CA GLN C 40 -43.98 37.84 -25.64
C GLN C 40 -43.21 37.20 -24.49
N THR C 41 -42.18 36.41 -24.81
CA THR C 41 -41.42 35.72 -23.77
C THR C 41 -40.75 36.65 -22.77
N ILE C 42 -39.95 37.58 -23.27
CA ILE C 42 -39.28 38.53 -22.40
C ILE C 42 -40.17 39.76 -22.31
N THR C 43 -40.74 39.97 -21.12
CA THR C 43 -41.66 41.08 -20.90
C THR C 43 -40.98 42.34 -20.38
N GLN C 44 -39.72 42.23 -20.03
CA GLN C 44 -39.00 43.38 -19.51
C GLN C 44 -37.49 43.26 -19.66
N GLU C 45 -36.88 44.32 -20.17
CA GLU C 45 -35.43 44.37 -20.34
C GLU C 45 -34.95 45.46 -19.37
N ARG C 46 -34.28 45.05 -18.29
CA ARG C 46 -33.78 46.02 -17.32
C ARG C 46 -32.26 46.13 -17.29
N CYS C 47 -31.79 47.36 -17.37
CA CYS C 47 -30.38 47.63 -17.33
C CYS C 47 -30.03 47.88 -15.87
N VAL C 48 -28.98 47.23 -15.40
CA VAL C 48 -28.53 47.39 -14.02
C VAL C 48 -27.06 47.79 -14.06
N LEU C 49 -26.74 48.92 -13.42
CA LEU C 49 -25.39 49.43 -13.38
C LEU C 49 -24.57 48.79 -12.27
N TYR C 50 -23.28 48.60 -12.52
CA TYR C 50 -22.41 48.01 -11.53
C TYR C 50 -21.09 48.77 -11.42
N LYS C 51 -20.36 48.51 -10.35
CA LYS C 51 -19.07 49.13 -10.12
C LYS C 51 -18.06 47.98 -10.01
N GLU C 52 -16.93 48.11 -10.70
CA GLU C 52 -15.91 47.09 -10.65
C GLU C 52 -15.19 47.08 -9.30
N PHE C 53 -14.91 45.88 -8.79
CA PHE C 53 -14.22 45.76 -7.52
C PHE C 53 -12.72 45.70 -7.78
N ARG C 54 -11.98 46.69 -7.27
CA ARG C 54 -10.55 46.74 -7.46
C ARG C 54 -9.81 46.51 -6.14
N TYR C 55 -10.44 45.73 -5.27
CA TYR C 55 -9.88 45.40 -3.97
C TYR C 55 -9.46 46.64 -3.19
N ALA C 56 -8.18 46.72 -2.85
CA ALA C 56 -7.67 47.86 -2.09
C ALA C 56 -7.89 49.19 -2.81
N LYS C 57 -7.86 49.16 -4.14
CA LYS C 57 -8.04 50.38 -4.94
C LYS C 57 -9.31 51.14 -4.60
N ASN C 58 -10.43 50.44 -4.45
CA ASN C 58 -11.71 51.11 -4.16
C ASN C 58 -12.65 50.29 -3.29
N PHE C 59 -12.11 49.61 -2.29
CA PHE C 59 -12.91 48.77 -1.41
C PHE C 59 -14.16 49.45 -0.86
N GLU C 60 -13.99 50.62 -0.26
CA GLU C 60 -15.12 51.33 0.31
C GLU C 60 -16.16 51.73 -0.72
N ASP C 61 -15.72 52.29 -1.85
CA ASP C 61 -16.63 52.69 -2.91
C ASP C 61 -17.45 51.50 -3.40
N TYR C 62 -16.76 50.38 -3.60
CA TYR C 62 -17.41 49.16 -4.08
C TYR C 62 -18.43 48.72 -3.06
N TYR C 63 -18.02 48.70 -1.79
CA TYR C 63 -18.91 48.30 -0.70
C TYR C 63 -20.20 49.11 -0.72
N LEU C 64 -20.05 50.43 -0.72
CA LEU C 64 -21.20 51.33 -0.73
C LEU C 64 -22.09 51.17 -1.94
N PHE C 65 -21.46 51.02 -3.11
CA PHE C 65 -22.22 50.86 -4.35
C PHE C 65 -23.07 49.59 -4.30
N CYS C 66 -22.46 48.50 -3.86
CA CYS C 66 -23.17 47.23 -3.77
C CYS C 66 -24.35 47.32 -2.81
N LYS C 67 -24.09 47.83 -1.61
CA LYS C 67 -25.14 47.97 -0.60
C LYS C 67 -26.25 48.93 -0.98
N GLU C 68 -25.89 50.04 -1.62
CA GLU C 68 -26.87 51.06 -1.99
C GLU C 68 -27.49 50.98 -3.40
N ASN C 69 -26.74 50.46 -4.36
CA ASN C 69 -27.25 50.38 -5.73
C ASN C 69 -27.51 48.97 -6.28
N LEU C 70 -26.43 48.25 -6.60
CA LEU C 70 -26.54 46.91 -7.18
C LEU C 70 -27.45 45.94 -6.44
N ILE C 71 -27.19 45.69 -5.16
CA ILE C 71 -28.01 44.74 -4.42
C ILE C 71 -29.47 45.15 -4.35
N PRO C 72 -29.77 46.41 -4.02
CA PRO C 72 -31.18 46.81 -3.96
C PRO C 72 -31.90 46.61 -5.29
N CYS C 73 -31.23 46.96 -6.39
CA CYS C 73 -31.84 46.80 -7.72
C CYS C 73 -32.11 45.34 -8.04
N MET C 74 -31.13 44.48 -7.77
CA MET C 74 -31.30 43.06 -8.04
C MET C 74 -32.37 42.44 -7.16
N LYS C 75 -32.52 42.92 -5.93
CA LYS C 75 -33.56 42.37 -5.05
C LYS C 75 -34.91 42.66 -5.69
N GLU C 76 -35.06 43.85 -6.28
CA GLU C 76 -36.32 44.20 -6.94
C GLU C 76 -36.61 43.18 -8.03
N VAL C 77 -35.58 42.79 -8.76
CA VAL C 77 -35.75 41.82 -9.83
C VAL C 77 -36.15 40.46 -9.29
N PHE C 78 -35.41 39.96 -8.30
CA PHE C 78 -35.69 38.66 -7.73
C PHE C 78 -36.99 38.56 -6.94
N GLU C 79 -37.57 39.71 -6.57
CA GLU C 79 -38.82 39.72 -5.84
C GLU C 79 -40.02 39.49 -6.75
N LYS C 80 -39.83 39.68 -8.05
CA LYS C 80 -40.91 39.46 -9.01
C LYS C 80 -41.05 37.96 -9.20
N LYS C 81 -42.21 37.53 -9.70
CA LYS C 81 -42.46 36.10 -9.91
C LYS C 81 -41.84 35.61 -11.21
N GLU C 82 -41.70 36.52 -12.16
CA GLU C 82 -41.15 36.20 -13.48
C GLU C 82 -39.70 35.70 -13.45
N PHE C 83 -39.41 34.68 -14.26
CA PHE C 83 -38.07 34.09 -14.32
C PHE C 83 -37.03 35.06 -14.84
N PRO C 84 -35.91 35.20 -14.12
CA PRO C 84 -34.87 36.13 -14.58
C PRO C 84 -33.68 35.53 -15.31
N LEU C 85 -33.36 36.08 -16.47
CA LEU C 85 -32.19 35.66 -17.24
C LEU C 85 -31.24 36.84 -17.05
N ILE C 86 -30.11 36.57 -16.41
CA ILE C 86 -29.15 37.64 -16.10
C ILE C 86 -27.83 37.63 -16.88
N LEU C 87 -27.59 38.67 -17.66
CA LEU C 87 -26.35 38.80 -18.41
C LEU C 87 -25.50 39.73 -17.53
N SER C 88 -24.73 39.22 -16.69
CA SER C 88 -23.86 39.80 -15.69
C SER C 88 -22.58 40.58 -16.14
N SER C 89 -22.19 40.38 -17.38
CA SER C 89 -21.12 40.83 -18.08
C SER C 89 -19.79 40.18 -17.72
N GLU C 90 -19.36 40.33 -16.50
CA GLU C 90 -18.24 39.71 -15.90
C GLU C 90 -18.56 38.93 -14.63
N HIS C 91 -18.01 37.76 -14.50
CA HIS C 91 -18.32 36.91 -13.37
C HIS C 91 -18.20 37.53 -11.99
N ALA C 92 -17.32 38.50 -11.82
CA ALA C 92 -17.17 39.13 -10.51
C ALA C 92 -18.49 39.72 -10.01
N ASN C 93 -19.37 40.10 -10.93
CA ASN C 93 -20.66 40.70 -10.56
C ASN C 93 -21.60 39.67 -9.93
N MET C 94 -21.24 38.40 -10.03
CA MET C 94 -22.06 37.34 -9.46
C MET C 94 -22.23 37.54 -7.96
N PHE C 95 -21.22 38.10 -7.30
CA PHE C 95 -21.31 38.32 -5.86
C PHE C 95 -22.50 39.19 -5.48
N GLY C 96 -22.51 40.43 -5.95
CA GLY C 96 -23.61 41.34 -5.64
C GLY C 96 -24.95 40.79 -6.06
N ILE C 97 -25.00 40.13 -7.22
CA ILE C 97 -26.24 39.55 -7.73
C ILE C 97 -26.74 38.43 -6.82
N PHE C 98 -25.84 37.53 -6.44
CA PHE C 98 -26.21 36.41 -5.59
C PHE C 98 -26.59 36.83 -4.16
N GLN C 99 -25.91 37.84 -3.63
CA GLN C 99 -26.25 38.32 -2.30
C GLN C 99 -27.69 38.83 -2.30
N ALA C 100 -28.09 39.47 -3.41
CA ALA C 100 -29.46 39.96 -3.52
C ALA C 100 -30.41 38.77 -3.57
N PHE C 101 -29.97 37.73 -4.25
CA PHE C 101 -30.74 36.51 -4.40
C PHE C 101 -30.94 35.86 -3.03
N ARG C 102 -29.86 35.78 -2.25
CA ARG C 102 -29.91 35.20 -0.91
C ARG C 102 -30.80 36.05 0.00
N SER C 103 -30.69 37.37 -0.17
CA SER C 103 -31.46 38.31 0.63
C SER C 103 -32.96 38.13 0.42
N VAL C 104 -33.39 37.95 -0.82
CA VAL C 104 -34.80 37.78 -1.13
C VAL C 104 -35.32 36.43 -0.62
N HIS C 105 -34.49 35.40 -0.71
CA HIS C 105 -34.84 34.06 -0.25
C HIS C 105 -34.08 33.77 1.04
N LYS C 106 -34.20 34.67 2.01
CA LYS C 106 -33.48 34.54 3.28
C LYS C 106 -33.69 33.27 4.10
N ASP C 107 -34.87 32.66 4.02
CA ASP C 107 -35.14 31.45 4.79
C ASP C 107 -35.11 30.18 3.94
N LYS C 108 -34.40 30.23 2.81
CA LYS C 108 -34.33 29.07 1.93
C LYS C 108 -32.91 28.55 1.80
N LYS C 109 -32.79 27.23 1.66
CA LYS C 109 -31.48 26.61 1.46
C LYS C 109 -31.22 26.73 -0.04
N ILE C 110 -30.11 27.34 -0.42
CA ILE C 110 -29.81 27.54 -1.84
C ILE C 110 -28.69 26.69 -2.41
N GLY C 111 -28.95 26.12 -3.58
CA GLY C 111 -27.94 25.32 -4.26
C GLY C 111 -27.39 26.15 -5.42
N ILE C 112 -26.15 25.89 -5.81
CA ILE C 112 -25.54 26.65 -6.90
C ILE C 112 -24.96 25.73 -7.96
N LEU C 113 -25.35 25.95 -9.21
CA LEU C 113 -24.82 25.18 -10.34
C LEU C 113 -23.86 26.20 -10.97
N TYR C 114 -22.56 25.89 -10.92
CA TYR C 114 -21.54 26.80 -11.43
C TYR C 114 -20.76 26.20 -12.58
N LEU C 115 -21.06 26.62 -13.80
CA LEU C 115 -20.38 26.12 -15.00
C LEU C 115 -19.28 27.11 -15.32
N ASP C 116 -18.03 26.66 -15.21
CA ASP C 116 -16.91 27.56 -15.38
C ASP C 116 -15.60 26.78 -15.52
N ALA C 117 -14.62 27.37 -16.20
CA ALA C 117 -13.32 26.74 -16.30
C ALA C 117 -12.56 27.03 -15.01
N HIS C 118 -13.04 28.00 -14.24
CA HIS C 118 -12.40 28.42 -12.99
C HIS C 118 -13.29 28.22 -11.75
N ALA C 119 -12.65 28.13 -10.59
CA ALA C 119 -13.37 27.98 -9.33
C ALA C 119 -13.82 29.33 -8.78
N ASP C 120 -13.11 30.39 -9.16
CA ASP C 120 -13.44 31.75 -8.72
C ASP C 120 -13.52 31.90 -7.21
N ILE C 121 -12.67 31.19 -6.48
CA ILE C 121 -12.67 31.27 -5.03
C ILE C 121 -11.67 32.31 -4.53
N HIS C 122 -10.51 32.37 -5.17
CA HIS C 122 -9.46 33.32 -4.80
C HIS C 122 -8.94 34.04 -6.04
N THR C 123 -8.74 35.35 -5.91
CA THR C 123 -8.25 36.15 -7.00
C THR C 123 -6.88 35.63 -7.43
N ALA C 124 -6.72 35.41 -8.73
CA ALA C 124 -5.46 34.91 -9.26
C ALA C 124 -4.82 35.84 -10.28
N TYR C 125 -3.48 35.82 -10.29
CA TYR C 125 -2.65 36.62 -11.19
C TYR C 125 -1.52 35.73 -11.70
N ASP C 126 -0.87 36.12 -12.79
CA ASP C 126 0.24 35.33 -13.33
C ASP C 126 1.52 36.13 -13.09
N SER C 127 2.59 35.77 -13.81
CA SER C 127 3.87 36.47 -13.65
C SER C 127 3.84 37.90 -14.16
N ASP C 128 2.98 38.17 -15.14
CA ASP C 128 2.88 39.52 -15.69
C ASP C 128 1.93 40.33 -14.83
N SER C 129 1.81 39.96 -13.56
CA SER C 129 0.91 40.62 -12.64
C SER C 129 -0.41 40.90 -13.34
N LYS C 130 -0.80 39.96 -14.19
CA LYS C 130 -2.03 40.06 -14.96
C LYS C 130 -3.15 39.33 -14.23
N HIS C 131 -4.17 40.09 -13.84
CA HIS C 131 -5.33 39.57 -13.14
C HIS C 131 -6.07 38.54 -13.99
N ILE C 132 -6.08 37.29 -13.52
CA ILE C 132 -6.74 36.20 -14.24
C ILE C 132 -8.23 36.18 -13.96
N HIS C 133 -8.62 35.81 -12.73
CA HIS C 133 -10.03 35.78 -12.34
C HIS C 133 -10.22 36.32 -10.94
N GLY C 134 -11.42 36.83 -10.68
CA GLY C 134 -11.73 37.38 -9.37
C GLY C 134 -12.10 36.27 -8.41
N MET C 135 -12.89 36.60 -7.40
CA MET C 135 -13.28 35.60 -6.40
C MET C 135 -14.71 35.75 -5.87
N PRO C 136 -15.70 35.83 -6.78
CA PRO C 136 -17.10 35.97 -6.32
C PRO C 136 -17.54 34.88 -5.35
N LEU C 137 -17.16 33.64 -5.63
CA LEU C 137 -17.55 32.51 -4.77
C LEU C 137 -16.79 32.52 -3.45
N GLY C 138 -15.56 32.99 -3.47
CA GLY C 138 -14.80 33.05 -2.24
C GLY C 138 -15.49 33.98 -1.26
N MET C 139 -16.05 35.06 -1.79
CA MET C 139 -16.78 36.05 -0.98
C MET C 139 -18.13 35.49 -0.56
N VAL C 140 -18.79 34.80 -1.48
CA VAL C 140 -20.08 34.19 -1.17
C VAL C 140 -19.89 33.16 -0.05
N LEU C 141 -18.81 32.38 -0.16
CA LEU C 141 -18.50 31.35 0.82
C LEU C 141 -17.81 31.92 2.04
N ASN C 142 -17.40 33.19 1.95
CA ASN C 142 -16.73 33.83 3.06
C ASN C 142 -15.46 33.06 3.43
N ARG C 143 -14.67 32.73 2.41
CA ARG C 143 -13.40 32.02 2.58
C ARG C 143 -12.30 32.79 1.87
N VAL C 144 -12.28 34.10 2.08
CA VAL C 144 -11.30 35.00 1.45
C VAL C 144 -9.89 34.93 2.04
N ARG C 145 -9.78 35.07 3.35
CA ARG C 145 -8.47 35.06 4.03
C ARG C 145 -7.71 33.76 3.82
N SER C 146 -8.35 32.80 3.16
CA SER C 146 -7.74 31.50 2.91
C SER C 146 -6.61 31.54 1.90
N GLY C 147 -6.73 32.39 0.88
CA GLY C 147 -5.70 32.46 -0.14
C GLY C 147 -4.85 33.71 -0.08
N PHE C 148 -4.92 34.40 1.06
CA PHE C 148 -4.18 35.64 1.30
C PHE C 148 -3.18 35.45 2.43
N ASN C 149 -2.12 36.25 2.45
CA ASN C 149 -1.20 36.20 3.58
C ASN C 149 -2.10 37.04 4.48
N ARG C 150 -2.28 36.65 5.73
CA ARG C 150 -3.22 37.40 6.56
C ARG C 150 -3.17 38.91 6.50
N MET C 151 -4.29 39.48 6.93
CA MET C 151 -4.55 40.89 6.94
C MET C 151 -4.61 41.46 8.35
N SER C 152 -4.58 42.78 8.47
CA SER C 152 -4.68 43.43 9.77
C SER C 152 -6.05 43.02 10.27
N GLU C 153 -6.34 43.23 11.55
CA GLU C 153 -7.67 42.86 12.02
C GLU C 153 -8.60 43.84 11.33
N SER C 154 -8.03 44.94 10.86
CA SER C 154 -8.78 45.97 10.17
C SER C 154 -9.23 45.45 8.80
N GLU C 155 -8.34 44.74 8.12
CA GLU C 155 -8.66 44.19 6.81
C GLU C 155 -9.59 43.00 6.97
N GLU C 156 -9.36 42.23 8.04
CA GLU C 156 -10.17 41.07 8.35
C GLU C 156 -11.60 41.51 8.62
N LYS C 157 -11.76 42.68 9.22
CA LYS C 157 -13.07 43.21 9.57
C LYS C 157 -13.74 43.79 8.32
N ALA C 158 -12.95 44.39 7.45
CA ALA C 158 -13.46 44.98 6.21
C ALA C 158 -14.06 43.90 5.34
N TRP C 159 -13.30 42.84 5.09
CA TRP C 159 -13.76 41.73 4.26
C TRP C 159 -15.00 41.06 4.82
N GLN C 160 -15.08 40.97 6.14
CA GLN C 160 -16.24 40.35 6.77
C GLN C 160 -17.49 41.21 6.57
N LYS C 161 -17.30 42.52 6.56
CA LYS C 161 -18.41 43.45 6.37
C LYS C 161 -18.92 43.35 4.92
N LEU C 162 -17.99 43.25 3.99
CA LEU C 162 -18.32 43.16 2.57
C LEU C 162 -19.03 41.83 2.25
N CYS C 163 -18.48 40.72 2.75
CA CYS C 163 -19.07 39.41 2.49
C CYS C 163 -20.45 39.23 3.11
N SER C 164 -20.83 40.16 3.99
CA SER C 164 -22.13 40.08 4.65
C SER C 164 -23.21 40.92 3.98
N LEU C 165 -22.85 41.73 2.99
CA LEU C 165 -23.81 42.56 2.30
C LEU C 165 -25.06 41.76 1.89
N GLY C 166 -26.22 42.34 2.16
CA GLY C 166 -27.47 41.67 1.81
C GLY C 166 -27.97 40.66 2.82
N LEU C 167 -27.13 40.26 3.76
CA LEU C 167 -27.53 39.28 4.77
C LEU C 167 -27.80 39.93 6.11
N GLU C 168 -27.56 41.23 6.22
CA GLU C 168 -27.75 41.97 7.46
C GLU C 168 -29.04 41.69 8.21
N LYS C 169 -30.11 41.34 7.49
CA LYS C 169 -31.40 41.06 8.14
C LYS C 169 -31.66 39.56 8.21
N GLY C 170 -30.58 38.80 8.39
CA GLY C 170 -30.71 37.34 8.46
C GLY C 170 -30.34 36.68 7.15
N GLY C 171 -29.93 35.42 7.23
CA GLY C 171 -29.57 34.70 6.02
C GLY C 171 -28.73 33.47 6.28
N LEU C 172 -29.13 32.35 5.68
CA LEU C 172 -28.41 31.10 5.84
C LEU C 172 -27.05 31.17 5.17
N GLU C 173 -26.05 30.56 5.80
CA GLU C 173 -24.73 30.52 5.19
C GLU C 173 -24.90 29.51 4.07
N ILE C 174 -24.17 29.69 2.98
CA ILE C 174 -24.28 28.75 1.88
C ILE C 174 -23.53 27.48 2.25
N ASP C 175 -24.15 26.34 2.04
CA ASP C 175 -23.54 25.04 2.32
C ASP C 175 -22.62 24.69 1.14
N PRO C 176 -21.30 24.68 1.38
CA PRO C 176 -20.29 24.37 0.35
C PRO C 176 -20.60 23.10 -0.45
N LYS C 177 -21.18 22.11 0.22
CA LYS C 177 -21.52 20.84 -0.42
C LYS C 177 -22.64 21.00 -1.43
N CYS C 178 -23.28 22.16 -1.41
CA CYS C 178 -24.37 22.42 -2.34
C CYS C 178 -23.96 23.36 -3.47
N LEU C 179 -22.65 23.58 -3.61
CA LEU C 179 -22.10 24.38 -4.69
C LEU C 179 -21.53 23.31 -5.62
N VAL C 180 -22.12 23.16 -6.79
CA VAL C 180 -21.66 22.14 -7.75
C VAL C 180 -20.94 22.76 -8.95
N TYR C 181 -19.67 22.40 -9.11
CA TYR C 181 -18.84 22.90 -10.21
C TYR C 181 -18.88 21.97 -11.41
N PHE C 182 -18.83 22.56 -12.60
CA PHE C 182 -18.81 21.79 -13.85
C PHE C 182 -17.72 22.38 -14.76
N GLY C 183 -16.85 21.50 -15.29
CA GLY C 183 -15.81 21.94 -16.20
C GLY C 183 -14.60 22.69 -15.66
N VAL C 184 -14.52 22.87 -14.35
CA VAL C 184 -13.40 23.58 -13.75
C VAL C 184 -12.10 22.84 -14.09
N ARG C 185 -11.09 23.58 -14.52
CA ARG C 185 -9.82 22.98 -14.91
C ARG C 185 -8.63 23.88 -14.61
N SER C 186 -8.90 25.13 -14.27
CA SER C 186 -7.85 26.10 -13.95
C SER C 186 -8.09 26.60 -12.53
N THR C 187 -7.21 26.19 -11.62
CA THR C 187 -7.36 26.58 -10.22
C THR C 187 -6.01 26.86 -9.56
N GLU C 188 -6.06 27.56 -8.43
CA GLU C 188 -4.88 27.88 -7.62
C GLU C 188 -4.87 26.84 -6.50
N GLN C 189 -3.69 26.54 -5.96
CA GLN C 189 -3.60 25.55 -4.88
C GLN C 189 -4.49 25.91 -3.70
N SER C 190 -4.53 27.19 -3.35
CA SER C 190 -5.36 27.63 -2.23
C SER C 190 -6.83 27.34 -2.50
N GLU C 191 -7.24 27.38 -3.76
CA GLU C 191 -8.64 27.11 -4.09
C GLU C 191 -8.90 25.62 -3.99
N ARG C 192 -7.92 24.83 -4.41
CA ARG C 192 -8.05 23.38 -4.34
C ARG C 192 -8.12 22.95 -2.87
N ASP C 193 -7.45 23.68 -1.98
CA ASP C 193 -7.50 23.36 -0.56
C ASP C 193 -8.91 23.57 -0.02
N VAL C 194 -9.53 24.68 -0.44
CA VAL C 194 -10.89 25.00 0.00
C VAL C 194 -11.87 23.94 -0.50
N ILE C 195 -11.74 23.59 -1.77
CA ILE C 195 -12.60 22.59 -2.39
C ILE C 195 -12.47 21.26 -1.65
N ARG C 196 -11.24 20.93 -1.27
CA ARG C 196 -10.97 19.68 -0.56
C ARG C 196 -11.53 19.75 0.86
N GLU C 197 -11.12 20.77 1.60
CA GLU C 197 -11.56 20.92 2.98
C GLU C 197 -13.07 21.06 3.15
N LEU C 198 -13.72 21.79 2.25
CA LEU C 198 -15.17 21.96 2.35
C LEU C 198 -15.96 20.90 1.58
N GLN C 199 -15.24 19.98 0.94
CA GLN C 199 -15.87 18.90 0.20
C GLN C 199 -16.87 19.38 -0.87
N ILE C 200 -16.42 20.30 -1.71
CA ILE C 200 -17.26 20.85 -2.78
C ILE C 200 -17.22 19.92 -3.99
N PRO C 201 -18.39 19.45 -4.44
CA PRO C 201 -18.40 18.56 -5.61
C PRO C 201 -17.95 19.26 -6.88
N LEU C 202 -17.06 18.60 -7.61
CA LEU C 202 -16.54 19.15 -8.86
C LEU C 202 -16.57 18.07 -9.93
N PHE C 203 -17.28 18.35 -11.02
CA PHE C 203 -17.39 17.40 -12.12
C PHE C 203 -16.63 17.91 -13.33
N SER C 204 -15.51 17.26 -13.59
CA SER C 204 -14.62 17.63 -14.67
C SER C 204 -15.17 17.43 -16.06
N VAL C 205 -14.46 18.01 -17.02
CA VAL C 205 -14.80 17.92 -18.44
C VAL C 205 -14.83 16.45 -18.86
N ASP C 206 -13.81 15.71 -18.47
CA ASP C 206 -13.74 14.30 -18.83
C ASP C 206 -14.93 13.53 -18.26
N ALA C 207 -15.29 13.80 -17.01
CA ALA C 207 -16.42 13.12 -16.39
C ALA C 207 -17.70 13.49 -17.11
N ILE C 208 -17.84 14.78 -17.46
CA ILE C 208 -19.03 15.25 -18.15
C ILE C 208 -19.08 14.59 -19.53
N ARG C 209 -17.93 14.50 -20.18
CA ARG C 209 -17.83 13.89 -21.49
C ARG C 209 -18.08 12.38 -21.44
N GLU C 210 -17.48 11.71 -20.46
CA GLU C 210 -17.65 10.27 -20.31
C GLU C 210 -19.08 9.84 -20.00
N ASN C 211 -19.67 10.44 -18.98
CA ASN C 211 -21.03 10.08 -18.61
C ASN C 211 -21.78 11.28 -18.04
N MET C 212 -22.31 12.11 -18.92
CA MET C 212 -23.06 13.29 -18.53
C MET C 212 -24.26 12.94 -17.65
N GLN C 213 -24.98 11.89 -18.02
CA GLN C 213 -26.15 11.48 -17.24
C GLN C 213 -25.75 11.18 -15.80
N GLU C 214 -24.61 10.51 -15.63
CA GLU C 214 -24.11 10.16 -14.31
C GLU C 214 -23.79 11.44 -13.53
N VAL C 215 -23.13 12.37 -14.20
CA VAL C 215 -22.79 13.64 -13.54
C VAL C 215 -24.05 14.32 -13.00
N VAL C 216 -25.11 14.31 -13.80
CA VAL C 216 -26.34 14.95 -13.38
C VAL C 216 -27.02 14.21 -12.22
N GLN C 217 -26.85 12.89 -12.18
CA GLN C 217 -27.44 12.09 -11.10
C GLN C 217 -26.75 12.43 -9.78
N LYS C 218 -25.42 12.51 -9.80
CA LYS C 218 -24.66 12.86 -8.61
C LYS C 218 -25.03 14.28 -8.19
N THR C 219 -25.22 15.14 -9.19
CA THR C 219 -25.60 16.52 -8.93
C THR C 219 -26.91 16.54 -8.15
N LYS C 220 -27.83 15.66 -8.53
CA LYS C 220 -29.12 15.57 -7.83
C LYS C 220 -28.92 15.13 -6.37
N GLU C 221 -28.00 14.19 -6.14
CA GLU C 221 -27.71 13.73 -4.79
C GLU C 221 -27.20 14.90 -3.94
N SER C 222 -26.27 15.68 -4.51
CA SER C 222 -25.71 16.82 -3.79
C SER C 222 -26.74 17.90 -3.47
N LEU C 223 -27.71 18.05 -4.36
CA LEU C 223 -28.74 19.07 -4.22
C LEU C 223 -30.10 18.60 -3.73
N LYS C 224 -30.23 17.31 -3.43
CA LYS C 224 -31.50 16.75 -2.99
C LYS C 224 -32.20 17.53 -1.87
N ALA C 225 -31.43 18.22 -1.02
CA ALA C 225 -32.03 18.96 0.09
C ALA C 225 -32.22 20.48 -0.06
N VAL C 226 -31.76 21.10 -1.14
CA VAL C 226 -31.96 22.55 -1.23
C VAL C 226 -33.36 22.93 -1.71
N ASP C 227 -33.79 24.13 -1.34
CA ASP C 227 -35.10 24.63 -1.71
C ASP C 227 -35.11 25.30 -3.08
N ILE C 228 -34.04 26.03 -3.40
CA ILE C 228 -33.97 26.72 -4.68
C ILE C 228 -32.57 26.66 -5.28
N ILE C 229 -32.52 26.75 -6.60
CA ILE C 229 -31.26 26.68 -7.31
C ILE C 229 -30.93 27.91 -8.15
N TYR C 230 -29.66 28.25 -8.20
CA TYR C 230 -29.15 29.39 -8.96
C TYR C 230 -28.11 28.82 -9.93
N LEU C 231 -28.27 29.10 -11.22
CA LEU C 231 -27.30 28.60 -12.21
C LEU C 231 -26.50 29.74 -12.79
N SER C 232 -25.18 29.59 -12.75
CA SER C 232 -24.26 30.58 -13.25
C SER C 232 -23.39 29.95 -14.31
N LEU C 233 -23.47 30.48 -15.53
CA LEU C 233 -22.69 29.94 -16.64
C LEU C 233 -21.65 30.92 -17.15
N ASP C 234 -20.39 30.50 -17.09
CA ASP C 234 -19.27 31.29 -17.59
C ASP C 234 -18.98 30.62 -18.92
N LEU C 235 -18.98 31.40 -20.01
CA LEU C 235 -18.74 30.83 -21.33
C LEU C 235 -17.38 30.17 -21.52
N ASP C 236 -16.39 30.54 -20.70
CA ASP C 236 -15.07 29.93 -20.85
C ASP C 236 -15.07 28.46 -20.46
N ILE C 237 -16.23 27.92 -20.08
CA ILE C 237 -16.28 26.49 -19.75
C ILE C 237 -16.03 25.73 -21.05
N MET C 238 -16.35 26.36 -22.18
CA MET C 238 -16.12 25.73 -23.48
C MET C 238 -14.64 25.81 -23.78
N ASP C 239 -14.15 24.81 -24.51
CA ASP C 239 -12.73 24.76 -24.87
C ASP C 239 -12.21 26.11 -25.36
N GLY C 240 -11.05 26.51 -24.83
CA GLY C 240 -10.45 27.76 -25.20
C GLY C 240 -10.06 27.93 -26.66
N LYS C 241 -9.93 26.83 -27.39
CA LYS C 241 -9.59 26.93 -28.79
C LYS C 241 -10.84 27.00 -29.65
N LEU C 242 -11.94 26.47 -29.13
CA LEU C 242 -13.20 26.48 -29.87
C LEU C 242 -13.97 27.78 -29.65
N PHE C 243 -14.01 28.26 -28.42
CA PHE C 243 -14.71 29.52 -28.10
C PHE C 243 -13.68 30.56 -27.68
N THR C 244 -13.51 31.59 -28.48
CA THR C 244 -12.51 32.61 -28.19
C THR C 244 -13.04 33.94 -27.70
N SER C 245 -14.35 34.10 -27.63
CA SER C 245 -14.94 35.35 -27.17
C SER C 245 -15.05 35.49 -25.65
N THR C 246 -14.01 35.08 -24.92
CA THR C 246 -13.96 35.21 -23.47
C THR C 246 -12.61 35.80 -23.12
N GLY C 247 -12.57 36.55 -22.03
CA GLY C 247 -11.33 37.17 -21.59
C GLY C 247 -10.24 36.21 -21.16
N VAL C 248 -10.61 35.05 -20.60
CA VAL C 248 -9.62 34.07 -20.15
C VAL C 248 -9.96 32.67 -20.67
N ARG C 249 -9.30 32.29 -21.75
CA ARG C 249 -9.54 30.98 -22.36
C ARG C 249 -8.66 29.87 -21.80
N GLU C 250 -9.27 28.71 -21.58
CA GLU C 250 -8.56 27.56 -21.02
C GLU C 250 -8.76 26.32 -21.91
N ASN C 251 -7.66 25.69 -22.27
CA ASN C 251 -7.72 24.48 -23.09
C ASN C 251 -8.40 23.34 -22.36
N ASN C 252 -8.73 22.27 -23.10
CA ASN C 252 -9.37 21.08 -22.55
C ASN C 252 -10.76 21.34 -21.98
N GLY C 253 -11.54 22.13 -22.70
CA GLY C 253 -12.88 22.43 -22.25
C GLY C 253 -13.94 21.66 -23.02
N LEU C 254 -15.20 22.00 -22.78
CA LEU C 254 -16.32 21.34 -23.46
C LEU C 254 -16.50 21.91 -24.86
N SER C 255 -17.16 21.13 -25.71
CA SER C 255 -17.44 21.55 -27.07
C SER C 255 -18.77 22.27 -26.99
N PHE C 256 -19.13 22.99 -28.04
CA PHE C 256 -20.39 23.72 -28.08
C PHE C 256 -21.57 22.76 -27.86
N ASP C 257 -21.54 21.61 -28.52
CA ASP C 257 -22.63 20.64 -28.36
C ASP C 257 -22.66 20.04 -26.94
N GLU C 258 -21.51 19.79 -26.34
CA GLU C 258 -21.47 19.23 -25.00
C GLU C 258 -22.10 20.20 -23.99
N LEU C 259 -21.77 21.49 -24.09
CA LEU C 259 -22.35 22.48 -23.19
C LEU C 259 -23.86 22.52 -23.33
N LYS C 260 -24.33 22.48 -24.57
CA LYS C 260 -25.77 22.51 -24.81
C LYS C 260 -26.45 21.29 -24.17
N GLN C 261 -25.86 20.11 -24.35
CA GLN C 261 -26.41 18.90 -23.76
C GLN C 261 -26.46 19.01 -22.24
N LEU C 262 -25.33 19.37 -21.64
CA LEU C 262 -25.25 19.53 -20.19
C LEU C 262 -26.32 20.50 -19.71
N LEU C 263 -26.40 21.66 -20.37
CA LEU C 263 -27.38 22.69 -20.02
C LEU C 263 -28.80 22.14 -20.10
N GLY C 264 -29.09 21.44 -21.18
CA GLY C 264 -30.43 20.86 -21.35
C GLY C 264 -30.78 19.93 -20.20
N LEU C 265 -29.86 19.03 -19.84
CA LEU C 265 -30.10 18.10 -18.72
C LEU C 265 -30.30 18.86 -17.42
N LEU C 266 -29.38 19.76 -17.10
CA LEU C 266 -29.50 20.52 -15.87
C LEU C 266 -30.82 21.29 -15.81
N LEU C 267 -31.17 21.97 -16.89
CA LEU C 267 -32.42 22.73 -16.94
C LEU C 267 -33.64 21.83 -16.69
N GLU C 268 -33.63 20.64 -17.29
CA GLU C 268 -34.74 19.70 -17.15
C GLU C 268 -34.77 19.06 -15.76
N SER C 269 -33.61 18.65 -15.26
CA SER C 269 -33.55 18.00 -13.96
C SER C 269 -33.83 18.91 -12.77
N PHE C 270 -33.61 20.21 -12.92
CA PHE C 270 -33.84 21.12 -11.81
C PHE C 270 -34.87 22.21 -12.10
N LYS C 271 -35.63 22.02 -13.17
CA LYS C 271 -36.66 22.95 -13.62
C LYS C 271 -37.50 23.53 -12.49
N ASP C 272 -37.94 22.69 -11.57
CA ASP C 272 -38.78 23.13 -10.47
C ASP C 272 -38.17 24.04 -9.41
N ARG C 273 -36.88 23.86 -9.11
CA ARG C 273 -36.25 24.71 -8.10
C ARG C 273 -35.37 25.82 -8.65
N LEU C 274 -35.01 25.71 -9.93
CA LEU C 274 -34.17 26.71 -10.58
C LEU C 274 -34.94 28.03 -10.67
N LYS C 275 -34.43 29.06 -9.99
CA LYS C 275 -35.10 30.36 -9.97
C LYS C 275 -34.35 31.48 -10.68
N ALA C 276 -33.18 31.19 -11.23
CA ALA C 276 -32.43 32.23 -11.93
C ALA C 276 -31.29 31.63 -12.71
N VAL C 277 -30.94 32.29 -13.80
CA VAL C 277 -29.85 31.87 -14.64
C VAL C 277 -29.01 33.08 -15.03
N GLU C 278 -27.71 32.94 -14.84
CA GLU C 278 -26.75 33.96 -15.16
C GLU C 278 -25.79 33.46 -16.24
N VAL C 279 -25.61 34.25 -17.30
CA VAL C 279 -24.66 33.90 -18.35
C VAL C 279 -23.68 35.05 -18.41
N THR C 280 -22.39 34.74 -18.36
CA THR C 280 -21.39 35.80 -18.33
C THR C 280 -20.10 35.52 -19.09
N GLU C 281 -19.22 36.52 -19.08
CA GLU C 281 -17.92 36.46 -19.73
C GLU C 281 -17.95 36.38 -21.26
N TYR C 282 -18.89 37.06 -21.88
CA TYR C 282 -18.93 37.08 -23.33
C TYR C 282 -18.25 38.39 -23.74
N ASN C 283 -17.06 38.26 -24.31
CA ASN C 283 -16.27 39.40 -24.75
C ASN C 283 -15.93 39.19 -26.23
N PRO C 284 -16.76 39.75 -27.13
CA PRO C 284 -16.53 39.59 -28.58
C PRO C 284 -15.31 40.31 -29.11
N THR C 285 -14.82 41.30 -28.36
CA THR C 285 -13.68 42.10 -28.79
C THR C 285 -12.34 41.37 -28.76
N VAL C 286 -12.28 40.23 -28.05
CA VAL C 286 -11.03 39.50 -28.00
C VAL C 286 -11.05 38.27 -28.91
N SER C 287 -12.14 38.10 -29.65
CA SER C 287 -12.28 36.97 -30.55
C SER C 287 -11.16 36.97 -31.60
N ILE C 288 -10.64 35.79 -31.93
CA ILE C 288 -9.58 35.68 -32.93
C ILE C 288 -10.19 35.45 -34.32
N LYS C 289 -11.48 35.15 -34.33
CA LYS C 289 -12.20 34.93 -35.58
C LYS C 289 -12.74 36.29 -35.99
N HIS C 290 -13.45 36.36 -37.11
CA HIS C 290 -13.99 37.63 -37.56
C HIS C 290 -15.43 37.48 -38.05
N ASN C 291 -15.91 36.24 -38.06
CA ASN C 291 -17.27 35.94 -38.48
C ASN C 291 -18.18 36.07 -37.27
N ASN C 292 -19.42 35.60 -37.39
CA ASN C 292 -20.37 35.68 -36.28
C ASN C 292 -20.74 34.33 -35.68
N GLU C 293 -19.89 33.33 -35.87
CA GLU C 293 -20.15 32.00 -35.33
C GLU C 293 -20.30 31.98 -33.81
N GLU C 294 -19.35 32.58 -33.11
CA GLU C 294 -19.35 32.62 -31.66
C GLU C 294 -20.54 33.40 -31.10
N GLU C 295 -20.91 34.49 -31.76
CA GLU C 295 -22.06 35.24 -31.28
C GLU C 295 -23.33 34.42 -31.45
N LYS C 296 -23.44 33.70 -32.56
CA LYS C 296 -24.62 32.86 -32.82
C LYS C 296 -24.69 31.73 -31.79
N GLN C 297 -23.54 31.15 -31.48
CA GLN C 297 -23.50 30.08 -30.49
C GLN C 297 -24.02 30.59 -29.15
N VAL C 298 -23.59 31.79 -28.75
CA VAL C 298 -24.05 32.35 -27.49
C VAL C 298 -25.57 32.56 -27.55
N LEU C 299 -26.08 33.04 -28.67
CA LEU C 299 -27.52 33.25 -28.81
C LEU C 299 -28.31 31.94 -28.82
N GLU C 300 -27.70 30.88 -29.36
CA GLU C 300 -28.35 29.56 -29.38
C GLU C 300 -28.41 29.01 -27.95
N ILE C 301 -27.37 29.29 -27.16
CA ILE C 301 -27.33 28.85 -25.77
C ILE C 301 -28.40 29.61 -24.98
N LEU C 302 -28.52 30.90 -25.24
CA LEU C 302 -29.52 31.72 -24.55
C LEU C 302 -30.93 31.29 -24.96
N ASP C 303 -31.10 30.96 -26.24
CA ASP C 303 -32.40 30.51 -26.74
C ASP C 303 -32.81 29.25 -26.01
N LEU C 304 -31.85 28.35 -25.85
CA LEU C 304 -32.06 27.08 -25.16
C LEU C 304 -32.56 27.34 -23.75
N ILE C 305 -31.90 28.25 -23.06
CA ILE C 305 -32.26 28.60 -21.70
C ILE C 305 -33.66 29.21 -21.61
N ILE C 306 -33.94 30.13 -22.52
CA ILE C 306 -35.22 30.81 -22.54
C ILE C 306 -36.41 29.86 -22.77
N ASN C 307 -36.35 29.06 -23.82
CA ASN C 307 -37.44 28.14 -24.10
C ASN C 307 -37.71 27.21 -22.94
N SER C 308 -36.66 26.79 -22.26
CA SER C 308 -36.79 25.88 -21.13
C SER C 308 -37.31 26.53 -19.85
N CYS C 309 -36.80 27.71 -19.53
CA CYS C 309 -37.19 28.39 -18.30
C CYS C 309 -38.44 29.26 -18.36
N LYS C 310 -38.93 29.54 -19.55
CA LYS C 310 -40.13 30.36 -19.69
C LYS C 310 -41.34 29.63 -19.14
N ILE C 311 -42.19 30.36 -18.44
CA ILE C 311 -43.41 29.80 -17.86
C ILE C 311 -44.56 29.88 -18.85
N MET D 1 -21.84 0.08 -0.51
CA MET D 1 -21.27 -0.67 0.64
C MET D 1 -22.30 -0.79 1.77
N ILE D 2 -22.24 -1.89 2.49
CA ILE D 2 -23.14 -2.17 3.60
C ILE D 2 -22.37 -2.11 4.91
N LEU D 3 -22.89 -1.37 5.88
CA LEU D 3 -22.25 -1.27 7.18
C LEU D 3 -23.08 -2.11 8.14
N VAL D 4 -22.47 -3.15 8.71
CA VAL D 4 -23.16 -4.00 9.65
C VAL D 4 -22.62 -3.71 11.05
N GLY D 5 -23.53 -3.43 11.98
CA GLY D 5 -23.13 -3.16 13.34
C GLY D 5 -23.77 -4.18 14.26
N LEU D 6 -22.94 -4.90 15.00
CA LEU D 6 -23.45 -5.89 15.94
C LEU D 6 -23.78 -5.23 17.26
N GLU D 7 -24.80 -5.75 17.93
CA GLU D 7 -25.22 -5.21 19.22
C GLU D 7 -25.86 -6.38 19.98
N ALA D 8 -25.54 -6.52 21.26
CA ALA D 8 -26.10 -7.62 22.04
C ALA D 8 -27.59 -7.43 22.26
N GLU D 9 -28.37 -8.48 22.04
CA GLU D 9 -29.80 -8.39 22.26
C GLU D 9 -30.06 -7.97 23.72
N LEU D 10 -29.24 -8.48 24.64
CA LEU D 10 -29.39 -8.17 26.06
C LEU D 10 -28.17 -7.50 26.69
N GLY D 11 -28.43 -6.42 27.44
CA GLY D 11 -27.36 -5.71 28.14
C GLY D 11 -26.32 -4.95 27.35
N ALA D 12 -26.66 -4.53 26.13
CA ALA D 12 -25.71 -3.81 25.28
C ALA D 12 -25.10 -2.59 25.96
N SER D 13 -25.92 -1.85 26.70
CA SER D 13 -25.40 -0.65 27.35
C SER D 13 -24.38 -0.95 28.43
N LYS D 14 -24.24 -2.22 28.76
CA LYS D 14 -23.28 -2.68 29.76
C LYS D 14 -21.98 -3.13 29.10
N ARG D 15 -21.96 -3.22 27.76
CA ARG D 15 -20.75 -3.67 27.07
C ARG D 15 -19.97 -2.57 26.37
N GLY D 16 -18.71 -2.42 26.78
CA GLY D 16 -17.84 -1.41 26.21
C GLY D 16 -17.69 -1.49 24.70
N THR D 17 -17.61 -2.70 24.17
CA THR D 17 -17.45 -2.89 22.74
C THR D 17 -18.70 -2.46 21.97
N ASP D 18 -19.88 -2.70 22.54
CA ASP D 18 -21.13 -2.29 21.88
C ASP D 18 -21.18 -0.77 21.81
N LYS D 19 -20.68 -0.13 22.87
CA LYS D 19 -20.65 1.33 22.90
C LYS D 19 -19.69 1.79 21.81
N GLY D 20 -18.58 1.08 21.65
CA GLY D 20 -17.62 1.42 20.61
C GLY D 20 -18.27 1.34 19.24
N VAL D 21 -19.01 0.27 19.00
CA VAL D 21 -19.71 0.08 17.72
C VAL D 21 -20.69 1.21 17.45
N ARG D 22 -21.49 1.57 18.46
CA ARG D 22 -22.47 2.62 18.32
C ARG D 22 -21.84 3.95 17.95
N ARG D 23 -20.68 4.24 18.53
CA ARG D 23 -19.94 5.47 18.23
C ARG D 23 -19.47 5.48 16.78
N LEU D 24 -18.85 4.38 16.36
CA LEU D 24 -18.35 4.25 14.99
C LEU D 24 -19.49 4.36 13.97
N ARG D 25 -20.62 3.71 14.25
CA ARG D 25 -21.79 3.77 13.37
C ARG D 25 -22.25 5.22 13.16
N GLU D 26 -22.37 5.96 14.26
CA GLU D 26 -22.80 7.34 14.19
C GLU D 26 -21.79 8.23 13.47
N ALA D 27 -20.52 8.04 13.73
CA ALA D 27 -19.45 8.69 13.05
C ALA D 27 -19.44 8.43 11.48
N LEU D 28 -19.62 7.23 11.10
CA LEU D 28 -19.77 6.80 9.80
C LEU D 28 -21.02 7.38 9.05
N SER D 29 -22.09 7.51 9.69
CA SER D 29 -23.24 7.95 9.18
C SER D 29 -23.16 9.31 8.67
N ALA D 30 -22.48 10.12 9.36
CA ALA D 30 -22.12 11.39 9.02
C ALA D 30 -21.26 11.56 7.80
N THR D 31 -20.34 10.68 7.56
CA THR D 31 -19.44 10.73 6.49
C THR D 31 -19.63 9.81 5.32
N HIS D 32 -19.16 8.63 5.35
CA HIS D 32 -19.28 7.67 4.39
C HIS D 32 -20.76 7.23 4.13
N GLY D 33 -21.54 7.33 5.18
CA GLY D 33 -22.95 6.94 5.13
C GLY D 33 -23.85 8.10 4.72
N ASP D 34 -23.25 9.16 4.19
CA ASP D 34 -24.04 10.30 3.76
C ASP D 34 -23.54 10.70 2.38
N VAL D 35 -24.17 11.70 1.78
CA VAL D 35 -23.76 12.15 0.45
C VAL D 35 -22.53 13.05 0.53
N ILE D 36 -21.45 12.62 -0.11
CA ILE D 36 -20.21 13.37 -0.14
C ILE D 36 -19.85 13.57 -1.61
N LYS D 37 -19.92 14.83 -2.05
CA LYS D 37 -19.62 15.17 -3.43
C LYS D 37 -20.49 14.38 -4.40
N GLY D 38 -21.77 14.29 -4.07
CA GLY D 38 -22.73 13.59 -4.91
C GLY D 38 -22.77 12.08 -4.83
N MET D 39 -22.03 11.48 -3.91
CA MET D 39 -22.02 10.02 -3.81
C MET D 39 -22.18 9.49 -2.40
N GLN D 40 -22.97 8.43 -2.26
CA GLN D 40 -23.17 7.82 -0.96
C GLN D 40 -22.50 6.46 -0.93
N THR D 41 -21.35 6.39 -0.28
CA THR D 41 -20.59 5.14 -0.20
C THR D 41 -21.35 4.05 0.56
N ILE D 42 -21.75 4.34 1.79
CA ILE D 42 -22.49 3.36 2.58
C ILE D 42 -23.97 3.57 2.29
N THR D 43 -24.57 2.62 1.58
CA THR D 43 -25.98 2.72 1.20
C THR D 43 -26.93 2.11 2.23
N GLN D 44 -26.37 1.38 3.18
CA GLN D 44 -27.21 0.75 4.18
C GLN D 44 -26.48 0.47 5.49
N GLU D 45 -27.12 0.87 6.60
CA GLU D 45 -26.59 0.62 7.92
C GLU D 45 -27.52 -0.38 8.57
N ARG D 46 -27.06 -1.62 8.74
CA ARG D 46 -27.89 -2.64 9.35
C ARG D 46 -27.41 -3.07 10.73
N CYS D 47 -28.34 -3.06 11.69
CA CYS D 47 -28.03 -3.48 13.04
C CYS D 47 -28.34 -4.96 13.12
N VAL D 48 -27.41 -5.74 13.66
CA VAL D 48 -27.59 -7.17 13.82
C VAL D 48 -27.37 -7.53 15.29
N LEU D 49 -28.36 -8.21 15.87
CA LEU D 49 -28.30 -8.60 17.28
C LEU D 49 -27.58 -9.93 17.45
N TYR D 50 -26.86 -10.05 18.56
CA TYR D 50 -26.13 -11.27 18.85
C TYR D 50 -26.29 -11.68 20.31
N LYS D 51 -25.95 -12.92 20.60
CA LYS D 51 -26.05 -13.47 21.94
C LYS D 51 -24.65 -13.92 22.32
N GLU D 52 -24.21 -13.54 23.52
CA GLU D 52 -22.88 -13.91 23.99
C GLU D 52 -22.81 -15.40 24.30
N PHE D 53 -21.72 -16.03 23.89
CA PHE D 53 -21.53 -17.46 24.16
C PHE D 53 -20.82 -17.63 25.50
N ARG D 54 -21.51 -18.27 26.45
CA ARG D 54 -20.93 -18.49 27.77
C ARG D 54 -20.64 -19.97 27.99
N TYR D 55 -20.36 -20.67 26.90
CA TYR D 55 -20.04 -22.10 26.98
C TYR D 55 -21.13 -22.89 27.70
N ALA D 56 -20.76 -23.54 28.80
CA ALA D 56 -21.70 -24.34 29.56
C ALA D 56 -22.88 -23.53 30.09
N LYS D 57 -22.62 -22.26 30.42
CA LYS D 57 -23.69 -21.40 30.94
C LYS D 57 -24.93 -21.36 30.06
N ASN D 58 -24.75 -21.21 28.75
CA ASN D 58 -25.90 -21.11 27.84
C ASN D 58 -25.65 -21.73 26.47
N PHE D 59 -24.99 -22.88 26.43
CA PHE D 59 -24.69 -23.54 25.17
C PHE D 59 -25.88 -23.69 24.24
N GLU D 60 -26.98 -24.25 24.74
CA GLU D 60 -28.16 -24.45 23.91
C GLU D 60 -28.76 -23.14 23.40
N ASP D 61 -28.91 -22.16 24.29
CA ASP D 61 -29.47 -20.87 23.89
C ASP D 61 -28.62 -20.24 22.80
N TYR D 62 -27.31 -20.27 22.99
CA TYR D 62 -26.38 -19.71 22.02
C TYR D 62 -26.52 -20.44 20.69
N TYR D 63 -26.61 -21.76 20.77
CA TYR D 63 -26.75 -22.58 19.57
C TYR D 63 -27.97 -22.17 18.78
N LEU D 64 -29.12 -22.16 19.46
CA LEU D 64 -30.38 -21.79 18.81
C LEU D 64 -30.38 -20.38 18.25
N PHE D 65 -29.83 -19.43 19.01
CA PHE D 65 -29.79 -18.06 18.57
C PHE D 65 -28.98 -17.93 17.28
N CYS D 66 -27.81 -18.55 17.25
CA CYS D 66 -26.96 -18.50 16.07
C CYS D 66 -27.66 -19.11 14.86
N LYS D 67 -28.23 -20.30 15.03
CA LYS D 67 -28.91 -20.98 13.93
C LYS D 67 -30.15 -20.24 13.44
N GLU D 68 -30.91 -19.68 14.37
CA GLU D 68 -32.16 -19.00 14.02
C GLU D 68 -32.09 -17.49 13.78
N ASN D 69 -31.17 -16.80 14.44
CA ASN D 69 -31.08 -15.35 14.28
C ASN D 69 -29.84 -14.81 13.57
N LEU D 70 -28.72 -14.84 14.29
CA LEU D 70 -27.45 -14.32 13.76
C LEU D 70 -27.05 -14.82 12.38
N ILE D 71 -26.90 -16.12 12.21
CA ILE D 71 -26.49 -16.66 10.92
C ILE D 71 -27.44 -16.31 9.78
N PRO D 72 -28.77 -16.49 9.98
CA PRO D 72 -29.69 -16.14 8.90
C PRO D 72 -29.59 -14.67 8.49
N CYS D 73 -29.45 -13.79 9.47
CA CYS D 73 -29.33 -12.35 9.20
C CYS D 73 -28.06 -12.02 8.42
N MET D 74 -26.94 -12.60 8.84
CA MET D 74 -25.69 -12.34 8.17
C MET D 74 -25.68 -12.93 6.76
N LYS D 75 -26.40 -14.03 6.57
CA LYS D 75 -26.46 -14.63 5.23
C LYS D 75 -27.15 -13.66 4.29
N GLU D 76 -28.18 -12.98 4.79
CA GLU D 76 -28.89 -11.99 3.98
C GLU D 76 -27.92 -10.91 3.54
N VAL D 77 -27.03 -10.51 4.45
CA VAL D 77 -26.05 -9.48 4.12
C VAL D 77 -25.06 -10.00 3.08
N PHE D 78 -24.48 -11.17 3.32
CA PHE D 78 -23.49 -11.71 2.40
C PHE D 78 -24.04 -12.12 1.02
N GLU D 79 -25.36 -12.22 0.91
CA GLU D 79 -25.98 -12.59 -0.36
C GLU D 79 -26.10 -11.39 -1.29
N LYS D 80 -25.98 -10.19 -0.74
CA LYS D 80 -26.06 -8.97 -1.56
C LYS D 80 -24.72 -8.81 -2.26
N LYS D 81 -24.70 -8.07 -3.37
CA LYS D 81 -23.46 -7.87 -4.13
C LYS D 81 -22.56 -6.81 -3.48
N GLU D 82 -23.18 -5.89 -2.76
CA GLU D 82 -22.48 -4.79 -2.11
C GLU D 82 -21.45 -5.25 -1.06
N PHE D 83 -20.29 -4.60 -1.05
CA PHE D 83 -19.22 -4.94 -0.12
C PHE D 83 -19.64 -4.66 1.32
N PRO D 84 -19.42 -5.63 2.23
CA PRO D 84 -19.80 -5.42 3.63
C PRO D 84 -18.67 -5.09 4.59
N LEU D 85 -18.85 -4.02 5.36
CA LEU D 85 -17.89 -3.64 6.39
C LEU D 85 -18.62 -4.05 7.68
N ILE D 86 -18.04 -4.96 8.43
CA ILE D 86 -18.68 -5.47 9.63
C ILE D 86 -18.03 -5.11 10.97
N LEU D 87 -18.71 -4.39 11.73
CA LEU D 87 -18.42 -4.07 13.04
C LEU D 87 -19.02 -5.08 14.06
N SER D 88 -18.30 -6.07 14.31
CA SER D 88 -18.57 -7.19 15.11
C SER D 88 -18.67 -7.04 16.62
N SER D 89 -18.19 -5.99 17.14
CA SER D 89 -18.09 -5.65 18.51
C SER D 89 -17.08 -6.48 19.24
N GLU D 90 -17.23 -7.73 19.36
CA GLU D 90 -16.45 -8.76 19.96
C GLU D 90 -15.95 -9.75 19.05
N HIS D 91 -14.66 -10.12 19.10
CA HIS D 91 -14.20 -11.13 18.17
C HIS D 91 -14.93 -12.46 18.21
N ALA D 92 -15.46 -12.83 19.37
CA ALA D 92 -16.19 -14.08 19.46
C ALA D 92 -17.34 -14.16 18.45
N ASN D 93 -17.88 -13.01 18.05
CA ASN D 93 -18.98 -12.98 17.09
C ASN D 93 -18.54 -13.39 15.69
N MET D 94 -17.23 -13.44 15.47
CA MET D 94 -16.67 -13.82 14.18
C MET D 94 -17.15 -15.22 13.77
N PHE D 95 -17.37 -16.10 14.74
CA PHE D 95 -17.83 -17.45 14.41
C PHE D 95 -19.15 -17.43 13.65
N GLY D 96 -20.19 -16.90 14.29
CA GLY D 96 -21.50 -16.84 13.65
C GLY D 96 -21.44 -16.13 12.31
N ILE D 97 -20.73 -15.01 12.27
CA ILE D 97 -20.59 -14.23 11.04
C ILE D 97 -19.91 -15.02 9.92
N PHE D 98 -18.80 -15.67 10.25
CA PHE D 98 -18.04 -16.42 9.26
C PHE D 98 -18.79 -17.67 8.78
N GLN D 99 -19.53 -18.31 9.67
CA GLN D 99 -20.30 -19.49 9.28
C GLN D 99 -21.34 -19.07 8.22
N ALA D 100 -21.92 -17.89 8.40
CA ALA D 100 -22.89 -17.39 7.44
C ALA D 100 -22.17 -17.13 6.12
N PHE D 101 -20.95 -16.62 6.23
CA PHE D 101 -20.12 -16.32 5.06
C PHE D 101 -19.82 -17.62 4.29
N ARG D 102 -19.45 -18.66 5.01
CA ARG D 102 -19.14 -19.96 4.42
C ARG D 102 -20.41 -20.54 3.81
N SER D 103 -21.53 -20.36 4.49
CA SER D 103 -22.80 -20.87 4.02
C SER D 103 -23.22 -20.26 2.68
N VAL D 104 -23.03 -18.96 2.55
CA VAL D 104 -23.37 -18.29 1.28
C VAL D 104 -22.43 -18.71 0.16
N HIS D 105 -21.16 -18.90 0.48
CA HIS D 105 -20.15 -19.31 -0.49
C HIS D 105 -19.77 -20.77 -0.26
N LYS D 106 -20.78 -21.63 -0.19
CA LYS D 106 -20.60 -23.04 0.08
C LYS D 106 -19.67 -23.83 -0.83
N ASP D 107 -19.57 -23.44 -2.10
CA ASP D 107 -18.70 -24.16 -3.03
C ASP D 107 -17.41 -23.41 -3.35
N LYS D 108 -16.99 -22.52 -2.45
CA LYS D 108 -15.77 -21.76 -2.67
C LYS D 108 -14.72 -22.04 -1.61
N LYS D 109 -13.44 -22.00 -2.02
CA LYS D 109 -12.35 -22.21 -1.09
C LYS D 109 -12.11 -20.83 -0.48
N ILE D 110 -12.17 -20.74 0.85
CA ILE D 110 -12.02 -19.47 1.53
C ILE D 110 -10.72 -19.26 2.28
N GLY D 111 -10.13 -18.08 2.10
CA GLY D 111 -8.90 -17.75 2.79
C GLY D 111 -9.24 -16.75 3.88
N ILE D 112 -8.47 -16.75 4.96
CA ILE D 112 -8.71 -15.85 6.07
C ILE D 112 -7.49 -15.02 6.45
N LEU D 113 -7.65 -13.70 6.47
CA LEU D 113 -6.57 -12.80 6.88
C LEU D 113 -7.00 -12.40 8.28
N TYR D 114 -6.27 -12.85 9.28
CA TYR D 114 -6.61 -12.59 10.67
C TYR D 114 -5.55 -11.73 11.38
N LEU D 115 -5.87 -10.45 11.57
CA LEU D 115 -4.95 -9.52 12.24
C LEU D 115 -5.37 -9.45 13.69
N ASP D 116 -4.50 -9.92 14.57
CA ASP D 116 -4.86 -10.01 15.97
C ASP D 116 -3.62 -10.28 16.83
N ALA D 117 -3.69 -9.89 18.11
CA ALA D 117 -2.58 -10.14 19.01
C ALA D 117 -2.73 -11.58 19.51
N HIS D 118 -3.94 -12.13 19.33
CA HIS D 118 -4.25 -13.50 19.75
C HIS D 118 -4.61 -14.44 18.61
N ALA D 119 -4.48 -15.75 18.85
CA ALA D 119 -4.81 -16.76 17.85
C ALA D 119 -6.30 -17.11 17.92
N ASP D 120 -6.91 -16.87 19.07
CA ASP D 120 -8.34 -17.14 19.26
C ASP D 120 -8.74 -18.57 18.91
N ILE D 121 -7.87 -19.54 19.21
CA ILE D 121 -8.19 -20.93 18.92
C ILE D 121 -8.82 -21.63 20.11
N HIS D 122 -8.30 -21.35 21.30
CA HIS D 122 -8.83 -21.94 22.53
C HIS D 122 -9.10 -20.87 23.57
N THR D 123 -10.24 -20.98 24.24
CA THR D 123 -10.60 -20.02 25.27
C THR D 123 -9.54 -20.02 26.37
N ALA D 124 -9.04 -18.84 26.70
CA ALA D 124 -8.01 -18.71 27.73
C ALA D 124 -8.49 -17.85 28.89
N ILE D 132 -10.86 -13.95 29.21
CA ILE D 132 -9.95 -13.17 28.37
C ILE D 132 -10.45 -13.11 26.93
N HIS D 133 -9.99 -14.03 26.09
CA HIS D 133 -10.42 -14.05 24.68
C HIS D 133 -11.17 -15.33 24.36
N GLY D 134 -12.05 -15.26 23.37
CA GLY D 134 -12.84 -16.41 22.97
C GLY D 134 -12.09 -17.43 22.12
N MET D 135 -12.84 -18.22 21.35
CA MET D 135 -12.24 -19.25 20.51
C MET D 135 -12.98 -19.41 19.18
N PRO D 136 -13.30 -18.30 18.51
CA PRO D 136 -14.01 -18.39 17.23
C PRO D 136 -13.31 -19.27 16.19
N LEU D 137 -11.99 -19.13 16.09
CA LEU D 137 -11.22 -19.92 15.13
C LEU D 137 -11.12 -21.39 15.54
N GLY D 138 -11.19 -21.64 16.84
CA GLY D 138 -11.14 -23.01 17.32
C GLY D 138 -12.38 -23.73 16.83
N MET D 139 -13.49 -23.01 16.78
CA MET D 139 -14.75 -23.58 16.31
C MET D 139 -14.78 -23.63 14.78
N VAL D 140 -14.17 -22.64 14.14
CA VAL D 140 -14.13 -22.59 12.70
C VAL D 140 -13.26 -23.74 12.18
N LEU D 141 -12.15 -23.99 12.87
CA LEU D 141 -11.21 -25.04 12.48
C LEU D 141 -11.61 -26.40 13.05
N ASN D 142 -12.63 -26.44 13.89
CA ASN D 142 -13.08 -27.66 14.51
C ASN D 142 -12.01 -28.26 15.40
N ARG D 143 -11.39 -27.41 16.22
CA ARG D 143 -10.35 -27.84 17.15
C ARG D 143 -10.71 -27.35 18.55
N VAL D 144 -11.97 -27.55 18.93
CA VAL D 144 -12.44 -27.13 20.25
C VAL D 144 -11.74 -27.97 21.32
N ARG D 145 -11.98 -29.28 21.31
CA ARG D 145 -11.33 -30.15 22.27
C ARG D 145 -9.89 -30.20 21.78
N SER D 146 -8.95 -29.93 22.68
CA SER D 146 -7.51 -29.89 22.36
C SER D 146 -6.99 -28.62 23.02
N MET D 151 -14.02 -34.33 27.05
CA MET D 151 -15.46 -34.12 27.07
C MET D 151 -16.23 -35.41 26.78
N SER D 152 -17.44 -35.51 27.33
CA SER D 152 -18.26 -36.69 27.14
C SER D 152 -18.69 -36.87 25.70
N GLU D 153 -19.32 -38.00 25.42
CA GLU D 153 -19.79 -38.32 24.08
C GLU D 153 -20.84 -37.31 23.60
N SER D 154 -21.72 -36.91 24.51
CA SER D 154 -22.78 -35.95 24.18
C SER D 154 -22.23 -34.55 23.97
N GLU D 155 -21.33 -34.12 24.85
CA GLU D 155 -20.74 -32.79 24.74
C GLU D 155 -20.00 -32.66 23.42
N GLU D 156 -19.36 -33.74 23.02
CA GLU D 156 -18.62 -33.74 21.76
C GLU D 156 -19.62 -33.62 20.63
N LYS D 157 -20.74 -34.31 20.77
CA LYS D 157 -21.80 -34.27 19.76
C LYS D 157 -22.34 -32.85 19.70
N ALA D 158 -22.51 -32.26 20.88
CA ALA D 158 -23.01 -30.88 20.98
C ALA D 158 -22.08 -29.93 20.22
N TRP D 159 -20.80 -29.96 20.54
CA TRP D 159 -19.83 -29.11 19.87
C TRP D 159 -19.77 -29.32 18.36
N GLN D 160 -19.94 -30.55 17.91
CA GLN D 160 -19.92 -30.84 16.48
C GLN D 160 -21.14 -30.22 15.85
N LYS D 161 -22.24 -30.25 16.60
CA LYS D 161 -23.50 -29.68 16.15
C LYS D 161 -23.29 -28.19 15.92
N LEU D 162 -22.71 -27.54 16.93
CA LEU D 162 -22.44 -26.12 16.89
C LEU D 162 -21.47 -25.74 15.77
N CYS D 163 -20.31 -26.38 15.73
CA CYS D 163 -19.30 -26.11 14.71
C CYS D 163 -19.82 -26.31 13.29
N SER D 164 -20.91 -27.08 13.17
CA SER D 164 -21.50 -27.36 11.88
C SER D 164 -22.55 -26.33 11.49
N LEU D 165 -22.88 -25.43 12.40
CA LEU D 165 -23.87 -24.40 12.11
C LEU D 165 -23.62 -23.74 10.76
N GLY D 166 -24.63 -23.76 9.89
CA GLY D 166 -24.51 -23.15 8.59
C GLY D 166 -24.01 -23.99 7.43
N LEU D 167 -23.38 -25.12 7.72
CA LEU D 167 -22.84 -25.97 6.66
C LEU D 167 -23.73 -27.19 6.39
N GLU D 168 -24.90 -27.17 7.00
CA GLU D 168 -25.91 -28.22 6.92
C GLU D 168 -26.27 -28.57 5.47
N LYS D 169 -26.31 -27.55 4.62
CA LYS D 169 -26.60 -27.77 3.20
C LYS D 169 -25.26 -27.99 2.50
N GLY D 170 -24.19 -27.92 3.28
CA GLY D 170 -22.87 -28.12 2.71
C GLY D 170 -21.97 -26.90 2.74
N GLY D 171 -20.68 -27.17 2.79
CA GLY D 171 -19.66 -26.14 2.82
C GLY D 171 -18.37 -26.87 3.07
N LEU D 172 -17.28 -26.34 2.55
CA LEU D 172 -15.99 -26.99 2.72
C LEU D 172 -15.35 -26.75 4.07
N GLU D 173 -14.48 -27.68 4.48
CA GLU D 173 -13.76 -27.53 5.74
C GLU D 173 -12.75 -26.45 5.39
N ILE D 174 -12.43 -25.58 6.34
CA ILE D 174 -11.45 -24.55 6.06
C ILE D 174 -10.06 -25.18 6.01
N ASP D 175 -9.25 -24.77 5.04
CA ASP D 175 -7.90 -25.29 4.92
C ASP D 175 -7.05 -24.50 5.92
N PRO D 176 -6.56 -25.16 6.98
CA PRO D 176 -5.74 -24.50 8.01
C PRO D 176 -4.61 -23.64 7.47
N LYS D 177 -4.04 -24.06 6.34
CA LYS D 177 -2.94 -23.34 5.73
C LYS D 177 -3.39 -22.10 4.95
N CYS D 178 -4.69 -21.84 4.95
CA CYS D 178 -5.22 -20.67 4.25
C CYS D 178 -5.71 -19.65 5.28
N LEU D 179 -5.37 -19.91 6.55
CA LEU D 179 -5.67 -19.02 7.65
C LEU D 179 -4.31 -18.39 7.91
N VAL D 180 -4.21 -17.08 7.69
CA VAL D 180 -2.95 -16.36 7.87
C VAL D 180 -3.00 -15.39 9.05
N TYR D 181 -2.20 -15.67 10.08
CA TYR D 181 -2.15 -14.82 11.27
C TYR D 181 -1.15 -13.67 11.12
N PHE D 182 -1.53 -12.50 11.64
CA PHE D 182 -0.66 -11.31 11.60
C PHE D 182 -0.59 -10.69 13.00
N GLY D 183 0.63 -10.55 13.52
CA GLY D 183 0.81 -9.93 14.83
C GLY D 183 0.48 -10.76 16.07
N VAL D 184 0.21 -12.03 15.93
CA VAL D 184 -0.09 -12.91 17.03
C VAL D 184 1.14 -13.07 17.98
N ARG D 185 0.93 -12.77 19.18
CA ARG D 185 1.79 -12.69 20.32
C ARG D 185 1.34 -13.22 21.66
N SER D 186 0.16 -13.54 21.81
CA SER D 186 -0.32 -13.94 23.00
C SER D 186 -1.18 -15.09 22.89
N THR D 187 -0.72 -16.25 23.32
CA THR D 187 -1.41 -17.51 23.14
C THR D 187 -1.15 -18.53 24.25
N GLU D 188 -1.95 -19.59 24.27
CA GLU D 188 -1.80 -20.67 25.24
C GLU D 188 -1.01 -21.78 24.52
N GLN D 189 -0.30 -22.60 25.27
CA GLN D 189 0.47 -23.68 24.68
C GLN D 189 -0.40 -24.57 23.79
N SER D 190 -1.63 -24.83 24.22
CA SER D 190 -2.53 -25.69 23.44
C SER D 190 -2.83 -25.07 22.08
N GLU D 191 -2.85 -23.74 22.01
CA GLU D 191 -3.11 -23.06 20.75
C GLU D 191 -1.87 -23.20 19.87
N ARG D 192 -0.70 -23.03 20.47
CA ARG D 192 0.55 -23.15 19.73
C ARG D 192 0.72 -24.56 19.19
N ASP D 193 0.17 -25.56 19.90
CA ASP D 193 0.27 -26.94 19.44
C ASP D 193 -0.60 -27.11 18.19
N VAL D 194 -1.78 -26.48 18.20
CA VAL D 194 -2.67 -26.55 17.04
C VAL D 194 -2.03 -25.89 15.83
N ILE D 195 -1.43 -24.72 16.07
CA ILE D 195 -0.77 -23.96 15.02
C ILE D 195 0.39 -24.76 14.41
N ARG D 196 1.18 -25.41 15.25
CA ARG D 196 2.30 -26.19 14.75
C ARG D 196 1.80 -27.43 14.02
N GLU D 197 0.83 -28.12 14.62
CA GLU D 197 0.29 -29.33 14.01
C GLU D 197 -0.37 -29.07 12.67
N LEU D 198 -1.23 -28.06 12.59
CA LEU D 198 -1.92 -27.75 11.34
C LEU D 198 -1.10 -26.90 10.38
N GLN D 199 0.10 -26.52 10.80
CA GLN D 199 1.00 -25.70 9.99
C GLN D 199 0.34 -24.42 9.49
N ILE D 200 -0.28 -23.70 10.41
CA ILE D 200 -0.96 -22.44 10.10
C ILE D 200 0.08 -21.31 10.00
N PRO D 201 0.17 -20.65 8.83
CA PRO D 201 1.13 -19.55 8.64
C PRO D 201 0.88 -18.40 9.61
N LEU D 202 1.94 -17.95 10.29
CA LEU D 202 1.84 -16.87 11.27
C LEU D 202 2.98 -15.86 11.11
N PHE D 203 2.62 -14.60 10.92
CA PHE D 203 3.61 -13.55 10.74
C PHE D 203 3.64 -12.63 11.96
N SER D 204 4.71 -12.74 12.74
CA SER D 204 4.87 -11.96 13.97
C SER D 204 5.04 -10.48 13.73
N VAL D 205 4.95 -9.72 14.82
CA VAL D 205 5.12 -8.28 14.77
C VAL D 205 6.47 -7.93 14.15
N ASP D 206 7.53 -8.61 14.59
CA ASP D 206 8.87 -8.36 14.08
C ASP D 206 9.05 -8.66 12.59
N ALA D 207 8.47 -9.77 12.11
CA ALA D 207 8.61 -10.09 10.69
C ALA D 207 7.92 -9.00 9.87
N ILE D 208 6.74 -8.59 10.34
CA ILE D 208 5.97 -7.57 9.65
C ILE D 208 6.76 -6.25 9.64
N ARG D 209 7.35 -5.93 10.79
CA ARG D 209 8.12 -4.71 10.93
C ARG D 209 9.41 -4.75 10.10
N GLU D 210 10.07 -5.90 10.10
CA GLU D 210 11.33 -6.07 9.36
C GLU D 210 11.17 -6.09 7.84
N ASN D 211 10.15 -6.77 7.33
CA ASN D 211 9.93 -6.83 5.89
C ASN D 211 8.49 -7.17 5.57
N MET D 212 7.68 -6.12 5.47
CA MET D 212 6.26 -6.25 5.19
C MET D 212 6.02 -6.78 3.79
N GLN D 213 6.88 -6.40 2.85
CA GLN D 213 6.73 -6.86 1.48
C GLN D 213 6.80 -8.38 1.40
N GLU D 214 7.78 -8.96 2.10
CA GLU D 214 7.95 -10.39 2.07
C GLU D 214 6.77 -11.05 2.76
N VAL D 215 6.29 -10.45 3.84
CA VAL D 215 5.15 -11.03 4.55
C VAL D 215 3.94 -11.11 3.59
N VAL D 216 3.67 -10.03 2.87
CA VAL D 216 2.56 -10.04 1.93
C VAL D 216 2.79 -11.04 0.78
N GLN D 217 4.03 -11.13 0.32
CA GLN D 217 4.34 -12.05 -0.78
C GLN D 217 4.11 -13.49 -0.33
N LYS D 218 4.60 -13.83 0.87
CA LYS D 218 4.39 -15.18 1.38
C LYS D 218 2.90 -15.42 1.62
N THR D 219 2.18 -14.36 1.98
CA THR D 219 0.73 -14.46 2.21
C THR D 219 0.05 -14.85 0.90
N LYS D 220 0.50 -14.25 -0.19
CA LYS D 220 -0.03 -14.52 -1.54
C LYS D 220 0.17 -16.00 -1.88
N GLU D 221 1.33 -16.52 -1.54
CA GLU D 221 1.66 -17.92 -1.81
C GLU D 221 0.70 -18.84 -1.08
N SER D 222 0.47 -18.56 0.21
CA SER D 222 -0.43 -19.36 1.04
C SER D 222 -1.88 -19.31 0.56
N LEU D 223 -2.26 -18.20 -0.07
CA LEU D 223 -3.63 -18.02 -0.55
C LEU D 223 -3.81 -18.13 -2.06
N LYS D 224 -2.76 -18.52 -2.77
CA LYS D 224 -2.81 -18.64 -4.23
C LYS D 224 -4.01 -19.44 -4.79
N ALA D 225 -4.48 -20.44 -4.06
CA ALA D 225 -5.59 -21.25 -4.53
C ALA D 225 -6.99 -20.91 -4.03
N VAL D 226 -7.11 -20.02 -3.04
CA VAL D 226 -8.44 -19.69 -2.54
C VAL D 226 -9.24 -18.86 -3.55
N ASP D 227 -10.56 -18.95 -3.47
CA ASP D 227 -11.43 -18.23 -4.38
C ASP D 227 -11.82 -16.88 -3.78
N ILE D 228 -12.06 -16.85 -2.49
CA ILE D 228 -12.42 -15.60 -1.83
C ILE D 228 -11.71 -15.47 -0.49
N ILE D 229 -11.59 -14.24 -0.04
CA ILE D 229 -10.89 -13.95 1.20
C ILE D 229 -11.75 -13.14 2.17
N TYR D 230 -11.58 -13.44 3.45
CA TYR D 230 -12.30 -12.77 4.53
C TYR D 230 -11.21 -12.14 5.40
N LEU D 231 -11.29 -10.83 5.63
CA LEU D 231 -10.29 -10.18 6.48
C LEU D 231 -10.91 -9.81 7.82
N SER D 232 -10.29 -10.28 8.90
CA SER D 232 -10.78 -10.00 10.24
C SER D 232 -9.70 -9.26 11.02
N LEU D 233 -10.00 -8.03 11.40
CA LEU D 233 -9.07 -7.17 12.12
C LEU D 233 -9.45 -6.87 13.56
N ASP D 234 -8.62 -7.35 14.49
CA ASP D 234 -8.83 -7.10 15.91
C ASP D 234 -7.86 -5.98 16.23
N LEU D 235 -8.38 -4.84 16.68
CA LEU D 235 -7.56 -3.68 17.00
C LEU D 235 -6.42 -3.90 17.99
N ASP D 236 -6.49 -4.95 18.80
CA ASP D 236 -5.42 -5.18 19.75
C ASP D 236 -4.15 -5.69 19.08
N ILE D 237 -4.14 -5.70 17.74
CA ILE D 237 -2.94 -6.11 17.03
C ILE D 237 -1.93 -4.98 17.24
N MET D 238 -2.43 -3.77 17.52
CA MET D 238 -1.57 -2.63 17.77
C MET D 238 -1.02 -2.73 19.20
N ASP D 239 0.17 -2.16 19.42
CA ASP D 239 0.80 -2.22 20.74
C ASP D 239 -0.15 -1.77 21.85
N GLY D 240 -0.22 -2.58 22.92
CA GLY D 240 -1.08 -2.27 24.05
C GLY D 240 -0.81 -0.94 24.73
N LYS D 241 0.40 -0.42 24.60
CA LYS D 241 0.75 0.87 25.20
C LYS D 241 0.39 2.00 24.26
N LEU D 242 0.34 1.68 22.96
CA LEU D 242 0.01 2.68 21.94
C LEU D 242 -1.50 2.82 21.74
N PHE D 243 -2.22 1.70 21.80
CA PHE D 243 -3.67 1.76 21.62
C PHE D 243 -4.32 1.08 22.82
N THR D 244 -5.08 1.84 23.60
CA THR D 244 -5.67 1.28 24.81
C THR D 244 -7.19 1.05 24.80
N SER D 245 -7.86 1.45 23.73
CA SER D 245 -9.30 1.27 23.65
C SER D 245 -9.69 -0.13 23.20
N THR D 246 -9.15 -1.14 23.88
CA THR D 246 -9.44 -2.53 23.53
C THR D 246 -9.38 -3.37 24.81
N GLY D 247 -10.22 -4.40 24.87
CA GLY D 247 -10.30 -5.25 26.03
C GLY D 247 -9.03 -5.92 26.54
N VAL D 248 -8.33 -6.64 25.66
CA VAL D 248 -7.13 -7.35 26.04
C VAL D 248 -5.89 -6.80 25.35
N ARG D 249 -5.27 -5.80 25.97
CA ARG D 249 -4.08 -5.17 25.43
C ARG D 249 -2.83 -6.04 25.58
N GLU D 250 -2.03 -6.11 24.53
CA GLU D 250 -0.81 -6.92 24.55
C GLU D 250 0.35 -6.04 24.08
N ASN D 251 1.45 -6.07 24.82
CA ASN D 251 2.65 -5.30 24.49
C ASN D 251 3.38 -5.89 23.29
N ASN D 252 4.32 -5.14 22.74
CA ASN D 252 5.11 -5.57 21.60
C ASN D 252 4.24 -5.80 20.36
N GLY D 253 3.37 -4.83 20.07
CA GLY D 253 2.51 -4.93 18.92
C GLY D 253 2.91 -3.95 17.84
N LEU D 254 2.07 -3.81 16.82
CA LEU D 254 2.35 -2.89 15.73
C LEU D 254 2.00 -1.48 16.15
N SER D 255 2.59 -0.51 15.47
CA SER D 255 2.32 0.88 15.72
C SER D 255 1.12 1.20 14.83
N PHE D 256 0.51 2.35 15.04
CA PHE D 256 -0.63 2.76 14.24
C PHE D 256 -0.25 2.81 12.75
N ASP D 257 0.88 3.41 12.44
CA ASP D 257 1.34 3.52 11.05
C ASP D 257 1.66 2.17 10.40
N GLU D 258 2.24 1.25 11.17
CA GLU D 258 2.57 -0.06 10.66
C GLU D 258 1.30 -0.79 10.25
N LEU D 259 0.27 -0.70 11.07
CA LEU D 259 -1.01 -1.35 10.75
C LEU D 259 -1.59 -0.74 9.48
N LYS D 260 -1.52 0.58 9.36
CA LYS D 260 -2.04 1.27 8.19
C LYS D 260 -1.33 0.81 6.94
N GLN D 261 -0.01 0.67 7.02
CA GLN D 261 0.78 0.21 5.89
C GLN D 261 0.46 -1.24 5.55
N LEU D 262 0.39 -2.09 6.56
CA LEU D 262 0.08 -3.50 6.32
C LEU D 262 -1.32 -3.64 5.73
N LEU D 263 -2.28 -2.91 6.28
CA LEU D 263 -3.66 -2.96 5.80
C LEU D 263 -3.73 -2.52 4.34
N GLY D 264 -3.07 -1.41 4.04
CA GLY D 264 -3.08 -0.89 2.68
C GLY D 264 -2.56 -1.89 1.67
N LEU D 265 -1.46 -2.55 2.01
CA LEU D 265 -0.86 -3.55 1.13
C LEU D 265 -1.76 -4.77 0.96
N LEU D 266 -2.34 -5.25 2.05
CA LEU D 266 -3.22 -6.42 1.97
C LEU D 266 -4.47 -6.11 1.16
N LEU D 267 -5.02 -4.92 1.34
CA LEU D 267 -6.23 -4.53 0.63
C LEU D 267 -5.99 -4.45 -0.87
N GLU D 268 -4.86 -3.87 -1.25
CA GLU D 268 -4.53 -3.73 -2.65
C GLU D 268 -4.12 -5.08 -3.26
N SER D 269 -3.35 -5.87 -2.52
CA SER D 269 -2.88 -7.16 -3.00
C SER D 269 -3.99 -8.18 -3.21
N PHE D 270 -5.05 -8.08 -2.42
CA PHE D 270 -6.15 -9.03 -2.53
C PHE D 270 -7.48 -8.39 -2.91
N LYS D 271 -7.40 -7.17 -3.44
CA LYS D 271 -8.59 -6.43 -3.85
C LYS D 271 -9.66 -7.25 -4.60
N ASP D 272 -9.21 -8.10 -5.52
CA ASP D 272 -10.12 -8.92 -6.33
C ASP D 272 -10.88 -10.04 -5.62
N ARG D 273 -10.25 -10.70 -4.66
CA ARG D 273 -10.90 -11.81 -3.97
C ARG D 273 -11.44 -11.51 -2.57
N LEU D 274 -11.13 -10.33 -2.04
CA LEU D 274 -11.60 -9.93 -0.72
C LEU D 274 -13.09 -9.63 -0.81
N LYS D 275 -13.90 -10.35 -0.04
CA LYS D 275 -15.35 -10.15 -0.09
C LYS D 275 -15.97 -9.57 1.19
N ALA D 276 -15.16 -9.42 2.23
CA ALA D 276 -15.68 -8.87 3.47
C ALA D 276 -14.56 -8.47 4.41
N VAL D 277 -14.83 -7.45 5.22
CA VAL D 277 -13.87 -6.99 6.22
C VAL D 277 -14.62 -6.77 7.53
N GLU D 278 -14.04 -7.35 8.58
CA GLU D 278 -14.58 -7.26 9.92
C GLU D 278 -13.55 -6.51 10.75
N VAL D 279 -13.99 -5.52 11.51
CA VAL D 279 -13.10 -4.76 12.40
C VAL D 279 -13.76 -4.88 13.75
N THR D 280 -12.99 -5.32 14.75
CA THR D 280 -13.57 -5.58 16.06
C THR D 280 -12.72 -5.21 17.28
N GLU D 281 -13.33 -5.37 18.45
CA GLU D 281 -12.69 -5.10 19.73
C GLU D 281 -12.34 -3.63 19.97
N TYR D 282 -13.26 -2.75 19.61
CA TYR D 282 -13.06 -1.33 19.88
C TYR D 282 -13.87 -1.07 21.15
N ASN D 283 -13.17 -0.85 22.25
CA ASN D 283 -13.82 -0.58 23.53
C ASN D 283 -13.28 0.74 24.10
N PRO D 284 -13.91 1.87 23.76
CA PRO D 284 -13.45 3.17 24.26
C PRO D 284 -13.58 3.35 25.77
N THR D 285 -14.44 2.57 26.42
CA THR D 285 -14.65 2.72 27.85
C THR D 285 -13.45 2.31 28.73
N VAL D 286 -12.58 1.44 28.22
CA VAL D 286 -11.42 1.01 29.00
C VAL D 286 -10.17 1.80 28.65
N SER D 287 -10.30 2.81 27.79
CA SER D 287 -9.13 3.60 27.41
C SER D 287 -8.54 4.31 28.62
N ILE D 288 -7.23 4.52 28.60
CA ILE D 288 -6.58 5.22 29.70
C ILE D 288 -6.17 6.62 29.26
N LYS D 289 -6.56 6.99 28.04
CA LYS D 289 -6.24 8.32 27.53
C LYS D 289 -7.45 9.20 27.67
N HIS D 290 -7.25 10.51 27.55
CA HIS D 290 -8.36 11.45 27.70
C HIS D 290 -8.43 12.50 26.59
N ASN D 291 -8.52 11.99 25.38
CA ASN D 291 -8.63 12.81 24.18
C ASN D 291 -9.27 11.93 23.12
N ASN D 292 -9.46 12.45 21.92
CA ASN D 292 -10.09 11.66 20.86
C ASN D 292 -9.10 10.98 19.93
N GLU D 293 -7.84 10.93 20.36
CA GLU D 293 -6.79 10.30 19.56
C GLU D 293 -7.08 8.86 19.11
N GLU D 294 -7.40 7.99 20.06
CA GLU D 294 -7.65 6.60 19.70
C GLU D 294 -8.90 6.45 18.82
N GLU D 295 -9.93 7.25 19.07
CA GLU D 295 -11.12 7.15 18.24
C GLU D 295 -10.81 7.59 16.81
N LYS D 296 -10.00 8.65 16.66
CA LYS D 296 -9.64 9.12 15.33
C LYS D 296 -8.81 8.08 14.59
N GLN D 297 -7.97 7.35 15.31
CA GLN D 297 -7.16 6.31 14.66
C GLN D 297 -8.06 5.21 14.10
N VAL D 298 -9.04 4.78 14.89
CA VAL D 298 -9.97 3.73 14.43
C VAL D 298 -10.73 4.24 13.21
N LEU D 299 -11.26 5.46 13.31
CA LEU D 299 -12.00 6.04 12.19
C LEU D 299 -11.10 6.15 10.96
N GLU D 300 -9.82 6.47 11.16
CA GLU D 300 -8.88 6.56 10.04
C GLU D 300 -8.72 5.18 9.41
N ILE D 301 -8.60 4.16 10.26
CA ILE D 301 -8.47 2.79 9.78
C ILE D 301 -9.71 2.43 8.96
N LEU D 302 -10.87 2.84 9.45
CA LEU D 302 -12.13 2.59 8.76
C LEU D 302 -12.17 3.33 7.42
N ASP D 303 -11.71 4.58 7.41
CA ASP D 303 -11.68 5.36 6.17
C ASP D 303 -10.79 4.67 5.14
N LEU D 304 -9.68 4.10 5.62
CA LEU D 304 -8.75 3.41 4.74
C LEU D 304 -9.39 2.17 4.10
N ILE D 305 -10.08 1.38 4.90
CA ILE D 305 -10.74 0.18 4.39
C ILE D 305 -11.84 0.55 3.39
N ILE D 306 -12.66 1.52 3.78
CA ILE D 306 -13.78 1.97 2.96
C ILE D 306 -13.37 2.59 1.65
N ASN D 307 -12.46 3.57 1.70
CA ASN D 307 -12.01 4.23 0.49
C ASN D 307 -11.28 3.29 -0.44
N SER D 308 -10.68 2.25 0.14
CA SER D 308 -9.94 1.29 -0.66
C SER D 308 -10.86 0.22 -1.26
N CYS D 309 -11.90 -0.18 -0.51
CA CYS D 309 -12.82 -1.21 -0.96
C CYS D 309 -14.04 -0.75 -1.75
N LYS D 310 -14.39 0.53 -1.68
CA LYS D 310 -15.56 1.01 -2.39
C LYS D 310 -15.40 0.91 -3.91
N ILE D 311 -14.15 0.88 -4.38
CA ILE D 311 -13.87 0.77 -5.81
C ILE D 311 -14.43 -0.54 -6.35
MN MN E . 13.82 17.76 -7.50
MN MN F . 13.39 18.83 -4.81
MN MN G . 15.65 -33.68 13.01
MN MN H . 12.87 -34.07 12.24
MN MN I . -15.83 32.73 -13.73
MN MN J . -14.10 31.50 -15.82
MN MN K . -9.33 -11.60 18.61
MN MN L . -7.30 -10.13 20.20
#